data_6QDJ
#
_entry.id   6QDJ
#
_cell.length_a   54.110
_cell.length_b   111.960
_cell.length_c   84.740
_cell.angle_alpha   90.00
_cell.angle_beta   97.44
_cell.angle_gamma   90.00
#
_symmetry.space_group_name_H-M   'P 1 21 1'
#
loop_
_entity.id
_entity.type
_entity.pdbx_description
1 polymer Myosin-4
2 non-polymer "ADENOSINE-5'-DIPHOSPHATE"
3 non-polymer GLYCEROL
4 non-polymer 1,4-BUTANEDIOL
5 non-polymer S-1,2-PROPANEDIOL
6 non-polymer HEXANE-1,6-DIOL
7 non-polymer 2,5,8,11,14,17-HEXAOXANONADECAN-19-OL
8 water water
#
_entity_poly.entity_id   1
_entity_poly.type   'polypeptide(L)'
_entity_poly.pdbx_seq_one_letter_code
;MEHEKDPGWQYLRRTREQVLEDQSKPYDSKKNVWIPDPEEGYLAGEITATKGDQVTIVTARGNEVTLKKELVQEMNPPKF
EKTEDMSNLSFLNDASVLHNLRSRYAAMLIYTYSGLFCVVINPYKRLPIYTDSCARMFMGKRKTEMPPHLFAVSDEAYRN
MLQDHENQSMLITGESGAGKTENTKKVICYFAAVGASQQEGGAEVDPNKKKVTLEDQIVQTNPVLEAFGNAKTVRNNNSS
RFGKFIRIHFNKHGRLASCDIEHYLLEKSRVIRQAPGERCYHIFYQIYSDFRPELKKELLLDLPIKDYWFVAQAELIIDG
IDDVEEFQLTDEAFDILNFSAVEKQDCYRLMSAHMHMGNMKFKQRPREEQAEPDGTDEAEKASNMYGIGCEEFLKALTKP
RVKVGTEWVSKGQNCEQVNWAVGAMAKGLYSRVFNWLVKKCNLTLDQKGIDRDYFIGVLDIAGFEIFDFNSFEQLWINFV
NEKLQQFFNHHMFVLEQEEYAREGIQWVFIDFGLDLQACIELIEKPLGIISMLDEECIVPKATDLTLASKLVDQHLGKHP
NFEKPKPPKGKQGEAHFAMRHYAGTVRYNCLNWLEKNKDPLNDTVVSAMKQSKGNDLLVEIWQDYTTQEEAAAKAKEGGG
GGKKKGKSGSFMTVSMLYRESLNNLMTMLNKTHPHFIRCIIPNEKKQSGMIDAALVLNQLTCNGVLEGIRICRKGFPNRT
LHPDFVQRYAILAAKEAKSDDDKKKCAEAIMSKLVNDGSLSEEMFRIGLTKVFFKAGVLAHLEDIRDEKL
;
_entity_poly.pdbx_strand_id   A
#
loop_
_chem_comp.id
_chem_comp.type
_chem_comp.name
_chem_comp.formula
ADP non-polymer ADENOSINE-5'-DIPHOSPHATE 'C10 H15 N5 O10 P2'
BU1 non-polymer 1,4-BUTANEDIOL 'C4 H10 O2'
GOL non-polymer GLYCEROL 'C3 H8 O3'
HEZ non-polymer HEXANE-1,6-DIOL 'C6 H14 O2'
P15 non-polymer 2,5,8,11,14,17-HEXAOXANONADECAN-19-OL 'C13 H28 O7'
PGO non-polymer S-1,2-PROPANEDIOL 'C3 H8 O2'
#
# COMPACT_ATOMS: atom_id res chain seq x y z
N MET A 1 17.26 -18.07 -28.30
CA MET A 1 16.92 -19.15 -27.39
C MET A 1 15.42 -19.46 -27.40
N GLU A 2 14.83 -19.49 -26.22
CA GLU A 2 13.38 -19.57 -26.04
C GLU A 2 12.85 -18.41 -25.22
N HIS A 3 13.59 -17.99 -24.17
CA HIS A 3 13.26 -16.77 -23.45
C HIS A 3 13.18 -15.57 -24.38
N GLU A 4 14.18 -15.42 -25.27
CA GLU A 4 14.29 -14.25 -26.13
C GLU A 4 13.21 -14.20 -27.21
N LYS A 5 12.49 -15.30 -27.44
CA LYS A 5 11.42 -15.29 -28.42
C LYS A 5 10.13 -14.68 -27.86
N ASP A 6 9.91 -14.78 -26.55
CA ASP A 6 8.67 -14.27 -25.95
C ASP A 6 8.63 -12.74 -26.04
N PRO A 7 7.50 -12.16 -26.46
CA PRO A 7 7.42 -10.69 -26.55
C PRO A 7 7.74 -9.96 -25.26
N GLY A 8 7.50 -10.58 -24.10
CA GLY A 8 7.80 -9.94 -22.83
C GLY A 8 9.28 -9.73 -22.56
N TRP A 9 10.16 -10.51 -23.23
CA TRP A 9 11.57 -10.47 -22.88
C TRP A 9 12.22 -9.11 -23.15
N GLN A 10 11.75 -8.39 -24.18
CA GLN A 10 12.30 -7.06 -24.43
C GLN A 10 11.95 -6.05 -23.34
N TYR A 11 10.88 -6.32 -22.59
CA TYR A 11 10.49 -5.49 -21.44
C TYR A 11 10.99 -6.07 -20.13
N LEU A 12 11.91 -7.04 -20.19
CA LEU A 12 12.51 -7.61 -19.00
C LEU A 12 14.03 -7.48 -18.95
N ARG A 13 14.71 -7.48 -20.10
CA ARG A 13 16.16 -7.41 -20.10
C ARG A 13 16.62 -6.96 -21.48
N ARG A 14 17.61 -6.08 -21.50
CA ARG A 14 18.17 -5.53 -22.73
C ARG A 14 18.91 -6.63 -23.50
N THR A 15 19.03 -6.42 -24.82
CA THR A 15 19.86 -7.29 -25.63
C THR A 15 21.33 -7.02 -25.37
N ARG A 16 22.18 -7.94 -25.81
CA ARG A 16 23.62 -7.74 -25.64
C ARG A 16 24.09 -6.46 -26.33
N GLU A 17 23.45 -6.11 -27.46
CA GLU A 17 23.85 -4.90 -28.18
C GLU A 17 23.44 -3.63 -27.43
N GLN A 18 22.26 -3.63 -26.82
CA GLN A 18 21.84 -2.48 -26.03
C GLN A 18 22.67 -2.31 -24.77
N VAL A 19 23.15 -3.43 -24.20
CA VAL A 19 23.96 -3.37 -22.98
C VAL A 19 25.35 -2.83 -23.28
N LEU A 20 25.99 -3.34 -24.35
CA LEU A 20 27.32 -2.84 -24.71
C LEU A 20 27.28 -1.37 -25.09
N GLU A 21 26.16 -0.90 -25.64
CA GLU A 21 26.02 0.52 -25.93
C GLU A 21 25.75 1.31 -24.65
N ASP A 22 25.02 0.72 -23.69
CA ASP A 22 24.85 1.33 -22.38
C ASP A 22 26.19 1.54 -21.68
N GLN A 23 27.08 0.56 -21.78
CA GLN A 23 28.38 0.58 -21.10
C GLN A 23 29.46 1.32 -21.89
N SER A 24 29.11 1.93 -23.01
CA SER A 24 30.08 2.59 -23.88
C SER A 24 29.95 4.10 -23.78
N LYS A 25 30.21 4.60 -22.59
CA LYS A 25 30.18 6.03 -22.33
C LYS A 25 31.48 6.44 -21.66
N PRO A 26 31.90 7.68 -21.86
CA PRO A 26 33.09 8.17 -21.15
C PRO A 26 32.82 8.23 -19.66
N TYR A 27 33.84 7.92 -18.86
CA TYR A 27 33.66 7.92 -17.43
C TYR A 27 34.99 8.01 -16.73
N ASP A 28 35.05 8.83 -15.69
CA ASP A 28 36.19 8.89 -14.78
C ASP A 28 35.64 8.88 -13.36
N SER A 29 35.95 7.81 -12.62
CA SER A 29 35.51 7.69 -11.24
C SER A 29 35.85 8.92 -10.39
N LYS A 30 36.89 9.66 -10.76
CA LYS A 30 37.35 10.80 -9.98
C LYS A 30 36.85 12.13 -10.52
N LYS A 31 36.17 12.13 -11.65
CA LYS A 31 35.68 13.35 -12.27
C LYS A 31 34.16 13.41 -12.32
N ASN A 32 33.50 12.38 -12.85
CA ASN A 32 32.05 12.39 -13.04
C ASN A 32 31.33 12.13 -11.71
N VAL A 33 30.38 13.00 -11.36
CA VAL A 33 29.71 12.97 -10.06
C VAL A 33 28.27 13.45 -10.22
N TRP A 34 27.49 13.31 -9.16
CA TRP A 34 26.11 13.81 -9.11
C TRP A 34 26.03 14.98 -8.14
N ILE A 35 25.27 16.02 -8.49
CA ILE A 35 25.00 17.10 -7.51
C ILE A 35 23.50 17.32 -7.31
N PRO A 36 23.07 17.85 -6.15
CA PRO A 36 21.65 18.21 -5.99
C PRO A 36 21.19 19.16 -7.10
N ASP A 37 19.92 19.03 -7.48
CA ASP A 37 19.38 19.88 -8.47
C ASP A 37 17.89 20.05 -8.12
N PRO A 38 17.41 21.29 -8.02
CA PRO A 38 15.98 21.47 -7.74
C PRO A 38 15.05 20.79 -8.73
N GLU A 39 15.33 20.89 -10.03
CA GLU A 39 14.39 20.38 -11.04
C GLU A 39 14.50 18.87 -11.19
N GLU A 40 15.72 18.35 -11.28
CA GLU A 40 15.92 16.96 -11.65
C GLU A 40 16.25 16.07 -10.46
N GLY A 41 16.30 16.64 -9.26
CA GLY A 41 16.65 15.92 -8.05
C GLY A 41 18.15 15.84 -7.89
N TYR A 42 18.80 15.23 -8.89
CA TYR A 42 20.26 15.19 -9.02
C TYR A 42 20.63 15.47 -10.46
N LEU A 43 21.84 16.01 -10.65
CA LEU A 43 22.31 16.41 -11.96
C LEU A 43 23.74 15.92 -12.12
N ALA A 44 24.09 15.42 -13.31
CA ALA A 44 25.46 14.98 -13.58
C ALA A 44 26.36 16.19 -13.80
N GLY A 45 27.61 16.09 -13.33
CA GLY A 45 28.61 17.11 -13.58
C GLY A 45 30.00 16.51 -13.64
N GLU A 46 30.98 17.38 -13.86
CA GLU A 46 32.38 16.98 -13.87
C GLU A 46 33.17 17.88 -12.95
N ILE A 47 33.87 17.28 -12.00
CA ILE A 47 34.83 18.02 -11.17
C ILE A 47 35.94 18.56 -12.05
N THR A 48 36.06 19.89 -12.10
CA THR A 48 37.17 20.52 -12.79
C THR A 48 38.25 21.04 -11.83
N ALA A 49 37.97 21.09 -10.52
CA ALA A 49 38.95 21.58 -9.55
C ALA A 49 38.48 21.18 -8.15
N THR A 50 39.45 21.15 -7.23
CA THR A 50 39.21 20.81 -5.83
C THR A 50 40.12 21.66 -4.95
N LYS A 51 39.56 22.19 -3.87
CA LYS A 51 40.22 23.22 -3.06
C LYS A 51 39.76 23.04 -1.60
N GLY A 52 40.44 22.14 -0.89
CA GLY A 52 40.19 21.97 0.53
C GLY A 52 38.94 21.16 0.81
N ASP A 53 37.88 21.85 1.20
CA ASP A 53 36.59 21.22 1.48
C ASP A 53 35.59 21.41 0.34
N GLN A 54 36.03 21.95 -0.79
CA GLN A 54 35.13 22.37 -1.85
C GLN A 54 35.58 21.75 -3.18
N VAL A 55 34.69 21.84 -4.16
CA VAL A 55 34.96 21.31 -5.48
C VAL A 55 34.25 22.21 -6.48
N THR A 56 34.89 22.45 -7.63
CA THR A 56 34.27 23.17 -8.73
C THR A 56 33.80 22.15 -9.76
N ILE A 57 32.58 22.33 -10.26
CA ILE A 57 31.92 21.35 -11.11
C ILE A 57 31.21 22.05 -12.24
N VAL A 58 31.48 21.61 -13.47
CA VAL A 58 30.69 21.99 -14.64
C VAL A 58 29.58 20.95 -14.78
N THR A 59 28.34 21.39 -14.71
CA THR A 59 27.20 20.47 -14.75
C THR A 59 26.88 20.11 -16.19
N ALA A 60 25.95 19.14 -16.32
CA ALA A 60 25.50 18.73 -17.64
C ALA A 60 24.84 19.86 -18.41
N ARG A 61 24.39 20.92 -17.73
CA ARG A 61 23.80 22.04 -18.42
C ARG A 61 24.83 23.09 -18.84
N GLY A 62 26.08 22.92 -18.44
CA GLY A 62 27.18 23.79 -18.84
C GLY A 62 27.57 24.82 -17.79
N ASN A 63 26.67 25.17 -16.88
CA ASN A 63 27.01 26.16 -15.86
C ASN A 63 28.07 25.59 -14.92
N GLU A 64 28.70 26.50 -14.19
CA GLU A 64 29.74 26.15 -13.25
C GLU A 64 29.26 26.47 -11.85
N VAL A 65 29.34 25.48 -10.95
CA VAL A 65 28.99 25.69 -9.56
C VAL A 65 30.16 25.24 -8.70
N THR A 66 30.19 25.77 -7.48
CA THR A 66 31.13 25.39 -6.45
C THR A 66 30.32 24.88 -5.27
N LEU A 67 30.70 23.73 -4.74
CA LEU A 67 29.89 23.07 -3.72
C LEU A 67 30.80 22.53 -2.65
N LYS A 68 30.26 22.40 -1.45
CA LYS A 68 30.94 21.58 -0.44
C LYS A 68 30.96 20.14 -0.91
N LYS A 69 32.10 19.46 -0.69
CA LYS A 69 32.25 18.07 -1.11
C LYS A 69 31.18 17.17 -0.51
N GLU A 70 30.67 17.49 0.69
CA GLU A 70 29.68 16.63 1.34
C GLU A 70 28.37 16.56 0.56
N LEU A 71 28.14 17.48 -0.38
CA LEU A 71 26.94 17.46 -1.21
C LEU A 71 27.12 16.65 -2.49
N VAL A 72 28.35 16.30 -2.83
CA VAL A 72 28.67 15.64 -4.10
C VAL A 72 28.55 14.15 -3.88
N GLN A 73 27.86 13.46 -4.80
CA GLN A 73 27.64 12.03 -4.68
C GLN A 73 28.35 11.35 -5.84
N GLU A 74 29.06 10.25 -5.55
CA GLU A 74 29.74 9.52 -6.60
C GLU A 74 28.76 8.94 -7.60
N MET A 75 29.14 8.97 -8.86
CA MET A 75 28.43 8.38 -9.98
C MET A 75 28.98 6.99 -10.28
N ASN A 76 28.08 6.03 -10.56
CA ASN A 76 28.55 4.67 -10.87
C ASN A 76 29.06 4.58 -12.31
N PRO A 77 30.01 3.69 -12.57
CA PRO A 77 30.54 3.51 -13.94
C PRO A 77 29.44 3.00 -14.86
N PRO A 78 29.60 3.19 -16.17
CA PRO A 78 28.53 2.78 -17.10
C PRO A 78 28.28 1.28 -17.15
N LYS A 79 29.17 0.45 -16.61
CA LYS A 79 28.86 -0.97 -16.58
C LYS A 79 27.71 -1.27 -15.62
N PHE A 80 27.30 -0.32 -14.79
CA PHE A 80 26.15 -0.51 -13.92
C PHE A 80 24.88 0.12 -14.46
N GLU A 81 24.88 0.60 -15.70
CA GLU A 81 23.66 1.11 -16.31
C GLU A 81 22.54 0.06 -16.26
N LYS A 82 21.39 0.49 -15.76
CA LYS A 82 20.19 -0.33 -15.72
C LYS A 82 20.41 -1.61 -14.92
N THR A 83 21.25 -1.55 -13.90
CA THR A 83 21.54 -2.70 -13.06
CA THR A 83 21.52 -2.78 -13.16
C THR A 83 20.24 -3.25 -12.48
N GLU A 84 20.14 -4.58 -12.39
CA GLU A 84 18.89 -5.23 -12.01
C GLU A 84 18.67 -5.25 -10.52
N ASP A 85 19.74 -5.33 -9.70
CA ASP A 85 19.61 -5.25 -8.24
C ASP A 85 20.55 -4.18 -7.76
N MET A 86 19.99 -3.08 -7.24
CA MET A 86 20.80 -1.91 -6.94
C MET A 86 21.68 -2.10 -5.73
N SER A 87 21.43 -3.11 -4.90
CA SER A 87 22.43 -3.38 -3.88
C SER A 87 23.76 -3.84 -4.48
N ASN A 88 23.84 -4.08 -5.81
CA ASN A 88 25.13 -4.39 -6.46
C ASN A 88 25.89 -3.16 -6.95
N LEU A 89 25.33 -1.95 -6.89
CA LEU A 89 26.04 -0.77 -7.36
C LEU A 89 27.37 -0.63 -6.62
N SER A 90 28.39 -0.10 -7.29
CA SER A 90 29.62 0.23 -6.55
C SER A 90 29.39 1.34 -5.53
N PHE A 91 28.56 2.34 -5.87
CA PHE A 91 28.31 3.49 -5.01
C PHE A 91 26.82 3.52 -4.68
N LEU A 92 26.51 3.27 -3.40
CA LEU A 92 25.14 3.10 -2.94
C LEU A 92 24.63 4.43 -2.42
N ASN A 93 24.12 5.28 -3.32
CA ASN A 93 23.68 6.59 -2.85
C ASN A 93 22.39 6.98 -3.57
N ASP A 94 21.74 8.03 -3.06
CA ASP A 94 20.41 8.40 -3.53
C ASP A 94 20.43 8.77 -4.99
N ALA A 95 21.45 9.52 -5.40
CA ALA A 95 21.49 9.95 -6.79
C ALA A 95 21.61 8.77 -7.73
N SER A 96 22.37 7.75 -7.32
CA SER A 96 22.58 6.58 -8.19
C SER A 96 21.34 5.71 -8.24
N VAL A 97 20.62 5.57 -7.12
CA VAL A 97 19.37 4.84 -7.11
C VAL A 97 18.37 5.51 -8.02
N LEU A 98 18.28 6.84 -7.94
CA LEU A 98 17.35 7.57 -8.78
C LEU A 98 17.72 7.42 -10.24
N HIS A 99 19.01 7.57 -10.56
CA HIS A 99 19.45 7.41 -11.95
C HIS A 99 19.12 6.02 -12.48
N ASN A 100 19.45 4.98 -11.70
CA ASN A 100 19.27 3.62 -12.20
C ASN A 100 17.80 3.32 -12.47
N LEU A 101 16.92 3.73 -11.54
CA LEU A 101 15.48 3.51 -11.73
C LEU A 101 14.96 4.26 -12.94
N ARG A 102 15.42 5.51 -13.12
CA ARG A 102 14.95 6.32 -14.26
C ARG A 102 15.44 5.75 -15.58
N SER A 103 16.69 5.29 -15.63
CA SER A 103 17.23 4.66 -16.84
C SER A 103 16.46 3.40 -17.20
N ARG A 104 16.13 2.57 -16.21
CA ARG A 104 15.32 1.38 -16.51
C ARG A 104 13.92 1.77 -16.96
N TYR A 105 13.30 2.73 -16.27
CA TYR A 105 11.94 3.15 -16.62
C TYR A 105 11.88 3.72 -18.04
N ALA A 106 12.92 4.42 -18.48
CA ALA A 106 12.95 4.96 -19.83
C ALA A 106 12.91 3.84 -20.87
N ALA A 107 13.43 2.67 -20.54
CA ALA A 107 13.38 1.51 -21.41
C ALA A 107 12.19 0.61 -21.10
N MET A 108 11.22 1.11 -20.34
CA MET A 108 10.04 0.34 -19.90
C MET A 108 10.43 -0.94 -19.19
N LEU A 109 11.56 -0.92 -18.48
CA LEU A 109 11.89 -1.97 -17.52
C LEU A 109 11.34 -1.47 -16.18
N ILE A 110 10.15 -1.93 -15.79
CA ILE A 110 9.47 -1.29 -14.66
C ILE A 110 9.81 -1.93 -13.31
N TYR A 111 10.39 -3.14 -13.28
CA TYR A 111 10.77 -3.85 -12.07
C TYR A 111 12.26 -3.69 -11.86
N THR A 112 12.66 -3.34 -10.63
CA THR A 112 14.06 -3.28 -10.23
C THR A 112 14.17 -3.81 -8.80
N TYR A 113 15.20 -4.61 -8.50
CA TYR A 113 15.39 -5.04 -7.13
C TYR A 113 16.27 -4.01 -6.44
N SER A 114 16.10 -3.90 -5.11
CA SER A 114 16.97 -3.09 -4.24
C SER A 114 17.12 -3.91 -2.95
N GLY A 115 18.06 -4.85 -2.95
CA GLY A 115 18.15 -5.87 -1.90
C GLY A 115 16.82 -6.52 -1.60
N LEU A 116 16.27 -6.24 -0.43
CA LEU A 116 15.02 -6.87 0.00
C LEU A 116 13.80 -6.27 -0.66
N PHE A 117 13.93 -5.18 -1.41
CA PHE A 117 12.77 -4.54 -2.02
C PHE A 117 12.67 -4.90 -3.50
N CYS A 118 11.45 -5.06 -3.98
CA CYS A 118 11.18 -5.09 -5.42
C CYS A 118 10.45 -3.79 -5.76
N VAL A 119 11.09 -2.90 -6.50
CA VAL A 119 10.50 -1.60 -6.85
C VAL A 119 9.83 -1.75 -8.20
N VAL A 120 8.61 -1.22 -8.33
CA VAL A 120 7.90 -1.26 -9.61
C VAL A 120 7.35 0.13 -9.90
N ILE A 121 7.72 0.70 -11.04
CA ILE A 121 7.22 2.01 -11.45
C ILE A 121 6.10 1.82 -12.47
N ASN A 122 4.94 2.42 -12.19
CA ASN A 122 3.73 2.30 -13.01
C ASN A 122 4.04 2.63 -14.48
N PRO A 123 3.84 1.70 -15.41
CA PRO A 123 4.15 1.99 -16.81
C PRO A 123 3.12 2.86 -17.49
N TYR A 124 1.89 2.88 -16.99
CA TYR A 124 0.79 3.60 -17.61
C TYR A 124 0.59 3.17 -19.05
N LYS A 125 0.94 1.91 -19.36
CA LYS A 125 0.60 1.33 -20.65
C LYS A 125 0.68 -0.19 -20.52
N ARG A 126 0.10 -0.88 -21.50
CA ARG A 126 0.08 -2.33 -21.48
C ARG A 126 1.44 -2.87 -21.85
N LEU A 127 1.93 -3.80 -21.04
CA LEU A 127 3.19 -4.47 -21.28
C LEU A 127 2.93 -5.97 -21.37
N PRO A 128 3.59 -6.65 -22.27
CA PRO A 128 3.29 -8.08 -22.48
C PRO A 128 4.08 -8.97 -21.55
N ILE A 129 4.21 -8.59 -20.27
CA ILE A 129 5.01 -9.35 -19.33
C ILE A 129 4.18 -10.13 -18.33
N TYR A 130 2.85 -10.16 -18.49
CA TYR A 130 2.01 -10.86 -17.52
C TYR A 130 1.24 -12.02 -18.15
N THR A 131 1.67 -12.51 -19.31
CA THR A 131 0.95 -13.56 -19.99
C THR A 131 1.29 -14.93 -19.40
N ASP A 132 0.52 -15.96 -19.80
CA ASP A 132 0.84 -17.31 -19.35
C ASP A 132 2.26 -17.69 -19.72
N SER A 133 2.68 -17.40 -20.97
CA SER A 133 4.02 -17.79 -21.38
C SER A 133 5.07 -17.03 -20.59
N CYS A 134 4.79 -15.78 -20.25
CA CYS A 134 5.74 -15.05 -19.41
C CYS A 134 5.79 -15.67 -18.02
N ALA A 135 4.63 -15.95 -17.42
CA ALA A 135 4.62 -16.58 -16.10
C ALA A 135 5.39 -17.90 -16.08
N ARG A 136 5.21 -18.73 -17.11
CA ARG A 136 5.87 -20.02 -17.08
C ARG A 136 7.35 -19.89 -17.09
N MET A 137 7.87 -18.79 -17.68
CA MET A 137 9.32 -18.59 -17.66
C MET A 137 9.87 -18.51 -16.24
N PHE A 138 9.07 -18.02 -15.28
CA PHE A 138 9.58 -17.83 -13.93
C PHE A 138 9.36 -19.03 -13.02
N MET A 139 8.53 -19.98 -13.41
CA MET A 139 8.18 -21.09 -12.53
C MET A 139 9.38 -21.97 -12.23
N GLY A 140 9.78 -22.04 -10.96
CA GLY A 140 10.87 -22.86 -10.55
C GLY A 140 12.24 -22.31 -10.86
N LYS A 141 12.33 -21.06 -11.30
CA LYS A 141 13.61 -20.46 -11.59
C LYS A 141 14.19 -19.77 -10.36
N ARG A 142 15.51 -19.79 -10.25
CA ARG A 142 16.13 -19.05 -9.17
C ARG A 142 15.99 -17.57 -9.45
N LYS A 143 15.49 -16.83 -8.46
CA LYS A 143 15.27 -15.40 -8.63
C LYS A 143 16.53 -14.68 -9.12
N THR A 144 17.69 -15.07 -8.60
CA THR A 144 18.93 -14.43 -9.03
C THR A 144 19.30 -14.77 -10.46
N GLU A 145 18.61 -15.72 -11.08
CA GLU A 145 18.95 -16.17 -12.42
C GLU A 145 17.99 -15.63 -13.47
N MET A 146 17.06 -14.78 -13.09
CA MET A 146 16.04 -14.22 -13.96
C MET A 146 16.07 -12.70 -13.81
N PRO A 147 15.59 -11.96 -14.81
CA PRO A 147 15.47 -10.50 -14.66
C PRO A 147 14.42 -10.16 -13.61
N PRO A 148 14.47 -8.96 -13.06
CA PRO A 148 13.46 -8.56 -12.07
C PRO A 148 12.04 -8.67 -12.62
N HIS A 149 11.15 -9.19 -11.78
CA HIS A 149 9.73 -9.28 -12.15
C HIS A 149 8.94 -9.64 -10.89
N LEU A 150 7.71 -9.11 -10.81
CA LEU A 150 6.71 -9.57 -9.84
C LEU A 150 6.60 -11.09 -9.77
N PHE A 151 6.63 -11.78 -10.91
CA PHE A 151 6.50 -13.25 -10.91
C PHE A 151 7.71 -13.93 -10.29
N ALA A 152 8.91 -13.33 -10.35
CA ALA A 152 10.04 -13.97 -9.67
C ALA A 152 9.89 -13.89 -8.15
N VAL A 153 9.47 -12.74 -7.63
CA VAL A 153 9.18 -12.62 -6.20
C VAL A 153 8.09 -13.61 -5.81
N SER A 154 7.02 -13.68 -6.62
CA SER A 154 5.90 -14.56 -6.31
C SER A 154 6.33 -16.02 -6.32
N ASP A 155 7.11 -16.42 -7.33
CA ASP A 155 7.54 -17.84 -7.39
C ASP A 155 8.50 -18.19 -6.26
N GLU A 156 9.41 -17.29 -5.91
CA GLU A 156 10.25 -17.54 -4.74
C GLU A 156 9.44 -17.73 -3.46
N ALA A 157 8.39 -16.91 -3.24
CA ALA A 157 7.55 -17.14 -2.06
C ALA A 157 6.91 -18.52 -2.11
N TYR A 158 6.40 -18.91 -3.27
CA TYR A 158 5.77 -20.22 -3.42
C TYR A 158 6.78 -21.36 -3.18
N ARG A 159 7.99 -21.24 -3.73
CA ARG A 159 8.99 -22.30 -3.46
C ARG A 159 9.46 -22.27 -2.00
N ASN A 160 9.69 -21.09 -1.43
CA ASN A 160 10.00 -20.99 0.01
C ASN A 160 8.95 -21.71 0.83
N MET A 161 7.67 -21.49 0.52
CA MET A 161 6.60 -22.07 1.32
C MET A 161 6.75 -23.59 1.34
N LEU A 162 6.98 -24.16 0.17
CA LEU A 162 7.01 -25.62 0.04
C LEU A 162 8.29 -26.20 0.59
N GLN A 163 9.42 -25.50 0.41
CA GLN A 163 10.69 -26.06 0.84
C GLN A 163 10.96 -25.79 2.32
N ASP A 164 10.56 -24.61 2.83
CA ASP A 164 10.79 -24.26 4.22
C ASP A 164 9.65 -24.66 5.12
N HIS A 165 8.51 -25.07 4.58
CA HIS A 165 7.34 -25.38 5.38
C HIS A 165 6.92 -24.18 6.23
N GLU A 166 6.87 -22.99 5.61
CA GLU A 166 6.41 -21.83 6.37
C GLU A 166 5.54 -20.91 5.53
N ASN A 167 4.62 -20.26 6.21
CA ASN A 167 3.74 -19.31 5.54
C ASN A 167 4.53 -18.09 5.07
N GLN A 168 4.04 -17.47 3.98
CA GLN A 168 4.69 -16.33 3.38
C GLN A 168 3.73 -15.15 3.34
N SER A 169 4.27 -13.96 3.16
CA SER A 169 3.44 -12.77 2.94
C SER A 169 4.11 -11.92 1.87
N MET A 170 3.27 -11.20 1.14
CA MET A 170 3.72 -10.27 0.10
C MET A 170 3.12 -8.93 0.47
N LEU A 171 3.97 -7.95 0.79
CA LEU A 171 3.45 -6.65 1.21
C LEU A 171 3.62 -5.66 0.07
N ILE A 172 2.51 -5.11 -0.41
CA ILE A 172 2.51 -4.25 -1.58
C ILE A 172 2.06 -2.87 -1.08
N THR A 173 2.92 -1.86 -1.26
CA THR A 173 2.56 -0.55 -0.73
C THR A 173 2.85 0.50 -1.78
N GLY A 174 2.33 1.70 -1.54
CA GLY A 174 2.63 2.83 -2.41
C GLY A 174 1.48 3.82 -2.36
N GLU A 175 1.71 4.99 -2.97
CA GLU A 175 0.68 6.02 -3.01
C GLU A 175 -0.49 5.60 -3.90
N SER A 176 -1.55 6.39 -3.84
CA SER A 176 -2.67 6.20 -4.76
C SER A 176 -2.21 6.42 -6.19
N GLY A 177 -2.57 5.48 -7.09
CA GLY A 177 -2.13 5.50 -8.46
C GLY A 177 -0.79 4.83 -8.73
N ALA A 178 -0.09 4.37 -7.69
CA ALA A 178 1.26 3.81 -7.90
C ALA A 178 1.24 2.45 -8.59
N GLY A 179 0.17 1.67 -8.43
CA GLY A 179 0.11 0.38 -9.10
C GLY A 179 -0.18 -0.80 -8.18
N LYS A 180 -0.67 -0.55 -6.97
CA LYS A 180 -0.83 -1.62 -5.97
C LYS A 180 -1.84 -2.66 -6.44
N THR A 181 -3.06 -2.21 -6.78
CA THR A 181 -4.13 -3.10 -7.24
C THR A 181 -3.68 -3.97 -8.38
N GLU A 182 -3.08 -3.36 -9.41
CA GLU A 182 -2.67 -4.13 -10.58
C GLU A 182 -1.64 -5.19 -10.20
N ASN A 183 -0.66 -4.82 -9.36
CA ASN A 183 0.30 -5.84 -8.96
C ASN A 183 -0.35 -6.93 -8.12
N THR A 184 -1.25 -6.54 -7.19
CA THR A 184 -1.94 -7.50 -6.35
C THR A 184 -2.74 -8.51 -7.19
N LYS A 185 -3.52 -8.04 -8.15
CA LYS A 185 -4.27 -8.94 -9.01
C LYS A 185 -3.35 -9.91 -9.73
N LYS A 186 -2.22 -9.42 -10.25
CA LYS A 186 -1.33 -10.32 -10.99
C LYS A 186 -0.65 -11.33 -10.08
N VAL A 187 -0.32 -10.95 -8.84
CA VAL A 187 0.20 -11.93 -7.89
C VAL A 187 -0.82 -13.03 -7.62
N ILE A 188 -2.07 -12.64 -7.34
CA ILE A 188 -3.11 -13.64 -7.04
C ILE A 188 -3.30 -14.58 -8.23
N CYS A 189 -3.31 -14.04 -9.45
CA CYS A 189 -3.44 -14.88 -10.65
C CYS A 189 -2.26 -15.82 -10.79
N TYR A 190 -1.05 -15.34 -10.51
CA TYR A 190 0.13 -16.20 -10.59
C TYR A 190 0.02 -17.39 -9.64
N PHE A 191 -0.40 -17.14 -8.39
CA PHE A 191 -0.53 -18.22 -7.40
C PHE A 191 -1.63 -19.19 -7.79
N ALA A 192 -2.74 -18.67 -8.31
CA ALA A 192 -3.80 -19.53 -8.82
C ALA A 192 -3.35 -20.32 -10.04
N ALA A 193 -2.38 -19.81 -10.81
CA ALA A 193 -1.86 -20.57 -11.94
C ALA A 193 -0.95 -21.70 -11.46
N VAL A 194 0.01 -21.38 -10.60
CA VAL A 194 0.98 -22.36 -10.18
C VAL A 194 0.35 -23.40 -9.25
N GLY A 195 -0.74 -23.05 -8.57
CA GLY A 195 -1.35 -23.99 -7.66
C GLY A 195 -2.48 -24.81 -8.25
N ALA A 196 -2.85 -24.56 -9.50
CA ALA A 196 -3.93 -25.30 -10.12
C ALA A 196 -3.35 -26.55 -10.76
N SER A 197 -4.06 -27.67 -10.64
CA SER A 197 -3.50 -29.00 -10.99
C SER A 197 -2.98 -29.12 -12.44
N LYS A 211 -18.10 -27.61 -12.89
CA LYS A 211 -17.38 -27.08 -14.05
C LYS A 211 -16.88 -25.64 -13.82
N VAL A 212 -17.10 -25.12 -12.61
CA VAL A 212 -16.57 -23.82 -12.20
C VAL A 212 -15.49 -24.08 -11.15
N THR A 213 -14.25 -23.68 -11.44
CA THR A 213 -13.12 -24.02 -10.57
C THR A 213 -12.93 -22.97 -9.47
N LEU A 214 -12.21 -23.37 -8.41
CA LEU A 214 -11.86 -22.41 -7.38
C LEU A 214 -11.11 -21.23 -7.98
N GLU A 215 -10.18 -21.51 -8.88
CA GLU A 215 -9.40 -20.46 -9.53
C GLU A 215 -10.31 -19.46 -10.24
N ASP A 216 -11.30 -19.96 -10.98
CA ASP A 216 -12.28 -19.08 -11.64
C ASP A 216 -12.96 -18.16 -10.62
N GLN A 217 -13.43 -18.74 -9.53
CA GLN A 217 -14.18 -17.97 -8.55
C GLN A 217 -13.29 -16.94 -7.87
N ILE A 218 -12.02 -17.28 -7.60
CA ILE A 218 -11.11 -16.32 -7.00
C ILE A 218 -11.02 -15.09 -7.89
N VAL A 219 -10.86 -15.33 -9.18
CA VAL A 219 -10.73 -14.23 -10.14
C VAL A 219 -12.02 -13.41 -10.23
N GLN A 220 -13.18 -14.06 -10.13
CA GLN A 220 -14.46 -13.35 -10.22
C GLN A 220 -14.76 -12.50 -9.00
N THR A 221 -14.03 -12.66 -7.90
CA THR A 221 -14.22 -11.72 -6.79
C THR A 221 -13.87 -10.30 -7.22
N ASN A 222 -12.97 -10.19 -8.20
CA ASN A 222 -12.49 -8.86 -8.56
C ASN A 222 -13.60 -7.93 -9.08
N PRO A 223 -14.42 -8.31 -10.05
CA PRO A 223 -15.45 -7.35 -10.49
C PRO A 223 -16.39 -6.97 -9.37
N VAL A 224 -16.74 -7.92 -8.49
CA VAL A 224 -17.69 -7.60 -7.42
C VAL A 224 -17.05 -6.62 -6.45
N LEU A 225 -15.86 -6.95 -5.96
CA LEU A 225 -15.25 -6.11 -4.95
C LEU A 225 -14.86 -4.75 -5.50
N GLU A 226 -14.41 -4.70 -6.76
CA GLU A 226 -14.10 -3.38 -7.34
C GLU A 226 -15.36 -2.56 -7.67
N ALA A 227 -16.49 -3.20 -7.99
CA ALA A 227 -17.70 -2.40 -8.24
C ALA A 227 -18.12 -1.66 -6.98
N PHE A 228 -18.06 -2.33 -5.84
CA PHE A 228 -18.47 -1.68 -4.61
C PHE A 228 -17.34 -1.02 -3.86
N GLY A 229 -16.07 -1.32 -4.19
CA GLY A 229 -15.00 -0.77 -3.35
C GLY A 229 -13.98 0.09 -4.05
N ASN A 230 -14.12 0.24 -5.39
CA ASN A 230 -13.25 1.07 -6.21
C ASN A 230 -14.02 2.23 -6.81
N ALA A 231 -13.31 3.34 -7.07
CA ALA A 231 -13.91 4.56 -7.57
C ALA A 231 -12.89 5.37 -8.35
N LYS A 232 -13.38 6.20 -9.28
CA LYS A 232 -12.51 7.18 -9.92
C LYS A 232 -12.11 8.25 -8.93
N THR A 233 -10.80 8.43 -8.71
CA THR A 233 -10.30 9.59 -7.99
C THR A 233 -9.43 10.41 -8.93
N VAL A 234 -8.98 11.58 -8.44
CA VAL A 234 -8.09 12.41 -9.24
C VAL A 234 -6.82 11.64 -9.60
N ARG A 235 -6.31 10.84 -8.66
CA ARG A 235 -5.04 10.16 -8.84
C ARG A 235 -5.18 8.91 -9.67
N ASN A 236 -6.38 8.29 -9.71
CA ASN A 236 -6.48 6.95 -10.26
C ASN A 236 -7.92 6.71 -10.71
N ASN A 237 -8.10 6.31 -11.98
CA ASN A 237 -9.44 6.08 -12.49
C ASN A 237 -10.13 4.88 -11.85
N ASN A 238 -9.35 3.97 -11.26
CA ASN A 238 -9.93 2.79 -10.65
C ASN A 238 -9.18 2.57 -9.33
N SER A 239 -9.43 3.47 -8.39
CA SER A 239 -8.75 3.49 -7.10
C SER A 239 -9.50 2.58 -6.10
N SER A 240 -8.79 1.60 -5.54
CA SER A 240 -9.35 0.77 -4.48
C SER A 240 -9.42 1.59 -3.20
N ARG A 241 -10.63 1.78 -2.67
CA ARG A 241 -10.82 2.64 -1.51
C ARG A 241 -10.89 1.83 -0.24
N PHE A 242 -10.18 0.70 -0.20
CA PHE A 242 -10.09 -0.15 0.99
C PHE A 242 -8.77 -0.90 0.93
N GLY A 243 -8.14 -1.12 2.08
CA GLY A 243 -6.98 -1.99 2.15
C GLY A 243 -7.43 -3.44 2.18
N LYS A 244 -6.53 -4.37 1.85
CA LYS A 244 -6.98 -5.75 1.83
C LYS A 244 -5.82 -6.68 2.14
N PHE A 245 -6.16 -7.79 2.79
CA PHE A 245 -5.23 -8.90 3.04
C PHE A 245 -5.88 -10.15 2.47
N ILE A 246 -5.24 -10.71 1.46
CA ILE A 246 -5.82 -11.86 0.74
C ILE A 246 -4.90 -13.06 0.97
N ARG A 247 -5.41 -14.10 1.60
CA ARG A 247 -4.63 -15.29 1.89
C ARG A 247 -4.98 -16.36 0.87
N ILE A 248 -3.98 -16.93 0.21
CA ILE A 248 -4.14 -18.05 -0.72
C ILE A 248 -3.59 -19.28 0.01
N HIS A 249 -4.44 -20.25 0.30
CA HIS A 249 -4.06 -21.43 1.07
C HIS A 249 -3.70 -22.55 0.09
N PHE A 250 -2.74 -23.38 0.49
CA PHE A 250 -2.22 -24.47 -0.33
C PHE A 250 -2.02 -25.70 0.55
N ASN A 251 -2.06 -26.88 -0.07
CA ASN A 251 -1.63 -28.04 0.68
C ASN A 251 -0.11 -28.16 0.57
N LYS A 252 0.47 -29.14 1.28
CA LYS A 252 1.92 -29.22 1.34
C LYS A 252 2.53 -29.66 0.01
N HIS A 253 1.71 -30.04 -0.97
CA HIS A 253 2.19 -30.40 -2.30
C HIS A 253 2.07 -29.25 -3.28
N GLY A 254 1.68 -28.05 -2.82
CA GLY A 254 1.58 -26.92 -3.72
C GLY A 254 0.24 -26.73 -4.36
N ARG A 255 -0.76 -27.54 -4.01
CA ARG A 255 -2.06 -27.44 -4.67
C ARG A 255 -2.87 -26.31 -4.03
N LEU A 256 -3.47 -25.48 -4.87
CA LEU A 256 -4.39 -24.44 -4.39
C LEU A 256 -5.53 -25.05 -3.58
N ALA A 257 -5.77 -24.54 -2.37
CA ALA A 257 -6.79 -25.08 -1.47
C ALA A 257 -7.96 -24.14 -1.23
N SER A 258 -7.72 -22.87 -0.92
CA SER A 258 -8.81 -21.94 -0.64
C SER A 258 -8.26 -20.53 -0.70
N CYS A 259 -9.14 -19.57 -0.41
CA CYS A 259 -8.73 -18.18 -0.41
C CYS A 259 -9.66 -17.43 0.54
N ASP A 260 -9.11 -16.49 1.32
CA ASP A 260 -9.99 -15.63 2.10
C ASP A 260 -9.50 -14.20 2.03
N ILE A 261 -10.44 -13.29 2.23
CA ILE A 261 -10.18 -11.87 2.04
C ILE A 261 -10.56 -11.15 3.31
N GLU A 262 -9.70 -10.23 3.75
CA GLU A 262 -10.04 -9.31 4.81
C GLU A 262 -9.88 -7.90 4.28
N HIS A 263 -10.82 -7.01 4.63
CA HIS A 263 -10.77 -5.63 4.16
C HIS A 263 -10.62 -4.67 5.33
N TYR A 264 -10.04 -3.51 5.03
CA TYR A 264 -9.67 -2.52 6.05
C TYR A 264 -10.01 -1.12 5.56
N LEU A 265 -10.58 -0.32 6.44
CA LEU A 265 -10.68 1.13 6.23
C LEU A 265 -11.38 1.50 4.93
N LEU A 266 -12.51 0.85 4.66
CA LEU A 266 -13.30 1.25 3.50
C LEU A 266 -13.67 2.74 3.62
N GLU A 267 -13.55 3.47 2.51
CA GLU A 267 -13.79 4.93 2.54
C GLU A 267 -15.28 5.21 2.52
N LYS A 268 -15.86 5.47 3.69
CA LYS A 268 -17.31 5.56 3.78
C LYS A 268 -17.83 6.89 3.28
N SER A 269 -17.06 7.97 3.50
CA SER A 269 -17.48 9.31 3.08
C SER A 269 -17.83 9.37 1.58
N ARG A 270 -17.20 8.52 0.77
CA ARG A 270 -17.43 8.57 -0.68
C ARG A 270 -18.85 8.23 -1.08
N VAL A 271 -19.62 7.51 -0.26
CA VAL A 271 -20.97 7.21 -0.75
C VAL A 271 -21.91 8.39 -0.57
N ILE A 272 -21.51 9.45 0.14
CA ILE A 272 -22.35 10.63 0.25
C ILE A 272 -21.70 11.92 -0.24
N ARG A 273 -20.46 11.85 -0.73
CA ARG A 273 -19.77 13.07 -1.14
C ARG A 273 -18.72 12.73 -2.20
N GLN A 274 -18.63 13.55 -3.24
CA GLN A 274 -17.55 13.42 -4.21
C GLN A 274 -16.86 14.75 -4.40
N ALA A 275 -15.54 14.75 -4.25
CA ALA A 275 -14.72 15.91 -4.58
C ALA A 275 -14.63 16.09 -6.10
N PRO A 276 -14.37 17.32 -6.58
CA PRO A 276 -14.20 17.56 -8.02
C PRO A 276 -13.30 16.53 -8.70
N GLY A 277 -13.70 16.10 -9.90
CA GLY A 277 -12.93 15.13 -10.65
C GLY A 277 -13.11 13.68 -10.24
N GLU A 278 -13.93 13.39 -9.24
CA GLU A 278 -14.09 12.04 -8.70
C GLU A 278 -15.50 11.50 -8.98
N ARG A 279 -15.65 10.19 -8.80
CA ARG A 279 -16.94 9.51 -8.87
C ARG A 279 -17.18 8.79 -7.55
N CYS A 280 -18.44 8.41 -7.33
CA CYS A 280 -18.75 7.48 -6.26
C CYS A 280 -18.23 6.10 -6.68
N TYR A 281 -18.50 5.08 -5.87
CA TYR A 281 -18.13 3.72 -6.25
C TYR A 281 -18.76 3.31 -7.58
N HIS A 282 -18.03 2.50 -8.37
CA HIS A 282 -18.46 2.17 -9.73
C HIS A 282 -19.88 1.61 -9.79
N ILE A 283 -20.32 0.90 -8.75
CA ILE A 283 -21.53 0.09 -8.84
C ILE A 283 -22.75 0.92 -9.24
N PHE A 284 -22.86 2.15 -8.72
CA PHE A 284 -24.06 2.95 -9.02
C PHE A 284 -24.18 3.23 -10.51
N TYR A 285 -23.05 3.51 -11.17
CA TYR A 285 -23.06 3.82 -12.59
C TYR A 285 -23.18 2.58 -13.44
N GLN A 286 -22.71 1.44 -12.92
CA GLN A 286 -22.94 0.15 -13.56
C GLN A 286 -24.42 -0.20 -13.55
N ILE A 287 -25.06 -0.15 -12.39
CA ILE A 287 -26.48 -0.49 -12.27
C ILE A 287 -27.31 0.36 -13.20
N TYR A 288 -26.97 1.65 -13.28
CA TYR A 288 -27.71 2.62 -14.07
C TYR A 288 -27.45 2.49 -15.57
N SER A 289 -26.35 1.86 -15.97
CA SER A 289 -25.96 1.69 -17.37
C SER A 289 -27.04 0.95 -18.16
N ASP A 290 -26.86 0.93 -19.47
CA ASP A 290 -27.82 0.28 -20.35
C ASP A 290 -27.60 -1.22 -20.50
N PHE A 291 -26.78 -1.86 -19.65
CA PHE A 291 -26.64 -3.30 -19.79
C PHE A 291 -27.96 -4.01 -19.50
N ARG A 292 -28.67 -3.59 -18.47
CA ARG A 292 -29.98 -4.14 -18.14
C ARG A 292 -30.96 -2.99 -18.03
N PRO A 293 -31.50 -2.52 -19.16
CA PRO A 293 -32.32 -1.30 -19.13
C PRO A 293 -33.54 -1.39 -18.22
N GLU A 294 -34.09 -2.59 -18.00
CA GLU A 294 -35.26 -2.70 -17.15
C GLU A 294 -34.91 -2.63 -15.66
N LEU A 295 -33.64 -2.81 -15.29
CA LEU A 295 -33.26 -2.73 -13.89
C LEU A 295 -33.58 -1.35 -13.30
N LYS A 296 -33.22 -0.27 -14.02
CA LYS A 296 -33.60 1.08 -13.56
C LYS A 296 -35.08 1.17 -13.24
N LYS A 297 -35.93 0.51 -14.03
CA LYS A 297 -37.37 0.61 -13.81
C LYS A 297 -37.78 -0.15 -12.56
N GLU A 298 -37.24 -1.36 -12.37
CA GLU A 298 -37.52 -2.13 -11.17
C GLU A 298 -37.03 -1.41 -9.92
N LEU A 299 -35.98 -0.60 -10.04
CA LEU A 299 -35.40 0.08 -8.89
C LEU A 299 -36.00 1.47 -8.69
N LEU A 300 -36.95 1.85 -9.54
CA LEU A 300 -37.67 3.13 -9.47
C LEU A 300 -36.71 4.29 -9.66
N LEU A 301 -35.65 4.07 -10.42
CA LEU A 301 -34.64 5.08 -10.72
C LEU A 301 -35.12 5.80 -11.98
N ASP A 302 -36.07 6.72 -11.78
CA ASP A 302 -36.77 7.32 -12.91
C ASP A 302 -36.22 8.68 -13.30
N LEU A 303 -35.18 9.18 -12.61
CA LEU A 303 -34.53 10.41 -12.99
C LEU A 303 -33.21 10.13 -13.67
N PRO A 304 -32.68 11.08 -14.44
CA PRO A 304 -31.31 10.95 -14.94
C PRO A 304 -30.33 10.82 -13.79
N ILE A 305 -29.23 10.08 -14.00
CA ILE A 305 -28.33 9.85 -12.87
C ILE A 305 -27.72 11.16 -12.37
N LYS A 306 -27.53 12.15 -13.24
CA LYS A 306 -27.05 13.46 -12.82
C LYS A 306 -27.92 14.08 -11.70
N ASP A 307 -29.15 13.60 -11.49
CA ASP A 307 -30.04 14.21 -10.49
C ASP A 307 -30.03 13.52 -9.14
N TYR A 308 -29.23 12.46 -8.95
CA TYR A 308 -29.17 11.76 -7.66
C TYR A 308 -27.99 12.32 -6.89
N TRP A 309 -28.31 13.15 -5.89
CA TRP A 309 -27.31 13.95 -5.18
C TRP A 309 -26.15 13.11 -4.64
N PHE A 310 -26.45 11.94 -4.04
CA PHE A 310 -25.38 11.19 -3.36
C PHE A 310 -24.33 10.64 -4.32
N VAL A 311 -24.64 10.47 -5.62
CA VAL A 311 -23.68 9.92 -6.56
C VAL A 311 -23.31 10.88 -7.67
N ALA A 312 -23.82 12.11 -7.67
CA ALA A 312 -23.64 12.94 -8.86
C ALA A 312 -23.05 14.29 -8.50
N GLN A 313 -22.26 14.36 -7.42
CA GLN A 313 -21.69 15.65 -7.02
C GLN A 313 -20.54 16.07 -7.92
N ALA A 314 -19.94 15.14 -8.67
CA ALA A 314 -18.79 15.48 -9.49
C ALA A 314 -18.92 14.79 -10.84
N GLU A 315 -18.07 13.79 -11.12
CA GLU A 315 -18.09 13.11 -12.40
C GLU A 315 -19.09 11.97 -12.44
N LEU A 316 -19.61 11.70 -13.63
CA LEU A 316 -20.53 10.60 -13.87
C LEU A 316 -19.94 9.49 -14.74
N ILE A 317 -18.91 9.80 -15.53
CA ILE A 317 -18.30 8.81 -16.40
C ILE A 317 -16.79 8.87 -16.25
N ILE A 318 -16.13 7.80 -16.66
CA ILE A 318 -14.69 7.70 -16.62
C ILE A 318 -14.21 7.49 -18.05
N ASP A 319 -13.34 8.36 -18.52
CA ASP A 319 -12.78 8.15 -19.85
C ASP A 319 -12.11 6.78 -19.90
N GLY A 320 -12.49 5.96 -20.89
CA GLY A 320 -11.89 4.66 -21.12
C GLY A 320 -12.62 3.50 -20.49
N ILE A 321 -13.65 3.73 -19.70
CA ILE A 321 -14.33 2.67 -18.97
C ILE A 321 -15.78 2.63 -19.46
N ASP A 322 -16.22 1.45 -19.86
CA ASP A 322 -17.59 1.25 -20.30
C ASP A 322 -18.37 0.59 -19.17
N ASP A 323 -19.18 1.40 -18.47
CA ASP A 323 -19.96 0.91 -17.35
C ASP A 323 -20.95 -0.16 -17.76
N VAL A 324 -21.37 -0.17 -19.03
CA VAL A 324 -22.21 -1.26 -19.54
C VAL A 324 -21.46 -2.59 -19.47
N GLU A 325 -20.25 -2.60 -20.02
CA GLU A 325 -19.50 -3.84 -20.03
C GLU A 325 -19.06 -4.21 -18.62
N GLU A 326 -18.73 -3.21 -17.80
CA GLU A 326 -18.34 -3.53 -16.43
C GLU A 326 -19.50 -4.15 -15.67
N PHE A 327 -20.74 -3.61 -15.84
CA PHE A 327 -21.85 -4.20 -15.10
C PHE A 327 -22.12 -5.63 -15.52
N GLN A 328 -21.99 -5.93 -16.81
CA GLN A 328 -22.11 -7.31 -17.29
C GLN A 328 -21.16 -8.23 -16.52
N LEU A 329 -19.91 -7.81 -16.38
CA LEU A 329 -18.94 -8.62 -15.64
C LEU A 329 -19.33 -8.76 -14.18
N THR A 330 -19.81 -7.67 -13.56
CA THR A 330 -20.18 -7.72 -12.14
C THR A 330 -21.40 -8.59 -11.93
N ASP A 331 -22.42 -8.42 -12.76
CA ASP A 331 -23.66 -9.16 -12.59
C ASP A 331 -23.42 -10.66 -12.78
N GLU A 332 -22.57 -11.01 -13.74
CA GLU A 332 -22.21 -12.41 -13.97
C GLU A 332 -21.35 -12.97 -12.83
N ALA A 333 -20.43 -12.17 -12.30
CA ALA A 333 -19.60 -12.59 -11.17
C ALA A 333 -20.45 -12.96 -9.96
N PHE A 334 -21.50 -12.19 -9.66
CA PHE A 334 -22.41 -12.60 -8.60
C PHE A 334 -22.88 -14.04 -8.80
N ASP A 335 -23.29 -14.37 -10.03
CA ASP A 335 -23.80 -15.72 -10.33
C ASP A 335 -22.73 -16.76 -10.10
N ILE A 336 -21.54 -16.52 -10.66
CA ILE A 336 -20.42 -17.46 -10.57
C ILE A 336 -20.06 -17.69 -9.12
N LEU A 337 -20.16 -16.66 -8.29
CA LEU A 337 -19.79 -16.76 -6.90
C LEU A 337 -20.93 -17.27 -6.05
N ASN A 338 -22.00 -17.74 -6.68
CA ASN A 338 -23.07 -18.47 -5.99
C ASN A 338 -23.95 -17.57 -5.13
N PHE A 339 -24.02 -16.27 -5.45
CA PHE A 339 -25.08 -15.43 -4.88
C PHE A 339 -26.42 -15.81 -5.53
N SER A 340 -27.48 -15.88 -4.73
CA SER A 340 -28.80 -16.20 -5.29
C SER A 340 -29.39 -15.01 -6.04
N ALA A 341 -30.33 -15.32 -6.95
CA ALA A 341 -31.01 -14.26 -7.71
C ALA A 341 -31.64 -13.25 -6.77
N VAL A 342 -32.19 -13.71 -5.65
CA VAL A 342 -32.84 -12.80 -4.71
C VAL A 342 -31.81 -11.96 -3.96
N GLU A 343 -30.68 -12.58 -3.53
CA GLU A 343 -29.61 -11.83 -2.88
C GLU A 343 -29.10 -10.72 -3.79
N LYS A 344 -28.85 -11.04 -5.05
CA LYS A 344 -28.32 -10.05 -5.97
C LYS A 344 -29.29 -8.89 -6.15
N GLN A 345 -30.57 -9.20 -6.37
CA GLN A 345 -31.56 -8.15 -6.53
C GLN A 345 -31.72 -7.32 -5.25
N ASP A 346 -31.75 -7.96 -4.08
CA ASP A 346 -31.87 -7.20 -2.84
C ASP A 346 -30.69 -6.26 -2.66
N CYS A 347 -29.51 -6.71 -3.09
CA CYS A 347 -28.32 -5.85 -3.08
C CYS A 347 -28.54 -4.64 -3.98
N TYR A 348 -29.00 -4.86 -5.20
CA TYR A 348 -29.23 -3.75 -6.12
C TYR A 348 -30.29 -2.80 -5.56
N ARG A 349 -31.30 -3.36 -4.88
CA ARG A 349 -32.33 -2.52 -4.28
C ARG A 349 -31.76 -1.62 -3.20
N LEU A 350 -30.85 -2.15 -2.38
CA LEU A 350 -30.22 -1.30 -1.37
C LEU A 350 -29.39 -0.20 -2.01
N MET A 351 -28.76 -0.48 -3.16
CA MET A 351 -28.03 0.58 -3.85
C MET A 351 -28.99 1.64 -4.39
N SER A 352 -30.12 1.19 -4.93
CA SER A 352 -31.17 2.14 -5.32
C SER A 352 -31.66 2.94 -4.13
N ALA A 353 -31.91 2.28 -3.00
CA ALA A 353 -32.44 3.00 -1.84
C ALA A 353 -31.50 4.13 -1.43
N HIS A 354 -30.20 3.87 -1.52
CA HIS A 354 -29.18 4.87 -1.20
C HIS A 354 -29.34 6.10 -2.09
N MET A 355 -29.48 5.89 -3.39
CA MET A 355 -29.65 7.02 -4.30
C MET A 355 -30.93 7.78 -3.98
N HIS A 356 -32.02 7.07 -3.68
CA HIS A 356 -33.26 7.77 -3.33
C HIS A 356 -33.13 8.55 -2.02
N MET A 357 -32.47 7.95 -1.01
CA MET A 357 -32.29 8.65 0.27
C MET A 357 -31.59 9.98 0.10
N GLY A 358 -30.57 10.05 -0.75
CA GLY A 358 -29.83 11.31 -0.91
C GLY A 358 -30.66 12.45 -1.48
N ASN A 359 -31.81 12.13 -2.07
CA ASN A 359 -32.69 13.12 -2.69
C ASN A 359 -33.89 13.47 -1.81
N MET A 360 -34.03 12.86 -0.64
CA MET A 360 -35.12 13.23 0.26
C MET A 360 -34.91 14.64 0.78
N LYS A 361 -35.97 15.45 0.76
CA LYS A 361 -35.89 16.82 1.24
C LYS A 361 -36.78 17.01 2.47
N PHE A 362 -36.39 17.95 3.31
CA PHE A 362 -37.05 18.28 4.56
C PHE A 362 -37.11 19.79 4.71
N LYS A 363 -38.01 20.25 5.58
CA LYS A 363 -38.10 21.67 5.86
C LYS A 363 -38.62 21.89 7.28
N GLN A 364 -38.39 23.11 7.78
CA GLN A 364 -39.00 23.60 9.00
C GLN A 364 -39.89 24.78 8.64
N ARG A 365 -41.13 24.76 9.13
CA ARG A 365 -42.01 25.92 9.05
C ARG A 365 -41.43 27.04 9.91
N PRO A 366 -41.82 28.30 9.66
CA PRO A 366 -41.28 29.42 10.46
C PRO A 366 -41.40 29.19 11.97
N ARG A 367 -40.29 29.37 12.66
CA ARG A 367 -40.16 29.21 14.12
C ARG A 367 -40.47 27.80 14.58
N GLU A 368 -40.34 26.81 13.70
CA GLU A 368 -40.43 25.41 14.10
C GLU A 368 -39.02 24.85 14.16
N GLU A 369 -38.71 24.11 15.21
CA GLU A 369 -37.44 23.38 15.23
C GLU A 369 -37.58 21.99 14.62
N GLN A 370 -38.78 21.41 14.61
CA GLN A 370 -38.98 20.06 14.11
C GLN A 370 -39.00 20.03 12.58
N ALA A 371 -38.14 19.20 11.98
CA ALA A 371 -38.16 18.98 10.54
C ALA A 371 -39.38 18.17 10.12
N GLU A 372 -39.93 18.51 8.94
CA GLU A 372 -40.93 17.69 8.31
C GLU A 372 -40.53 17.38 6.88
N PRO A 373 -41.00 16.27 6.33
CA PRO A 373 -40.72 15.98 4.92
C PRO A 373 -41.18 17.12 4.03
N ASP A 374 -40.38 17.44 3.02
CA ASP A 374 -40.76 18.45 2.04
C ASP A 374 -41.11 17.72 0.74
N GLY A 375 -42.30 17.12 0.72
CA GLY A 375 -42.63 16.08 -0.24
C GLY A 375 -42.05 14.74 0.18
N THR A 376 -42.62 13.66 -0.35
CA THR A 376 -42.22 12.34 0.12
C THR A 376 -41.93 11.34 -0.98
N ASP A 377 -41.86 11.75 -2.24
CA ASP A 377 -41.72 10.77 -3.32
C ASP A 377 -40.43 9.95 -3.15
N GLU A 378 -39.31 10.61 -2.88
CA GLU A 378 -38.07 9.84 -2.79
C GLU A 378 -38.06 8.94 -1.56
N ALA A 379 -38.63 9.42 -0.45
CA ALA A 379 -38.70 8.59 0.76
C ALA A 379 -39.56 7.35 0.52
N GLU A 380 -40.63 7.51 -0.27
CA GLU A 380 -41.45 6.35 -0.60
C GLU A 380 -40.66 5.35 -1.43
N LYS A 381 -39.85 5.83 -2.37
CA LYS A 381 -39.08 4.90 -3.19
C LYS A 381 -37.99 4.22 -2.36
N ALA A 382 -37.32 4.96 -1.48
CA ALA A 382 -36.32 4.33 -0.61
C ALA A 382 -36.95 3.26 0.28
N SER A 383 -38.11 3.58 0.85
CA SER A 383 -38.87 2.64 1.68
C SER A 383 -39.29 1.40 0.91
N ASN A 384 -39.65 1.59 -0.35
CA ASN A 384 -40.01 0.45 -1.18
C ASN A 384 -38.80 -0.47 -1.39
N MET A 385 -37.63 0.13 -1.64
CA MET A 385 -36.40 -0.68 -1.75
C MET A 385 -36.06 -1.41 -0.46
N TYR A 386 -36.26 -0.76 0.70
CA TYR A 386 -36.00 -1.37 2.01
C TYR A 386 -37.09 -2.34 2.42
N GLY A 387 -38.22 -2.33 1.73
CA GLY A 387 -39.32 -3.19 2.08
C GLY A 387 -40.04 -2.79 3.34
N ILE A 388 -40.03 -1.50 3.69
CA ILE A 388 -40.69 -1.03 4.89
C ILE A 388 -41.70 0.05 4.53
N GLY A 389 -42.50 0.44 5.52
CA GLY A 389 -43.49 1.52 5.30
C GLY A 389 -42.86 2.89 5.36
N CYS A 390 -43.25 3.74 4.40
CA CYS A 390 -42.67 5.08 4.32
C CYS A 390 -43.00 5.89 5.58
N GLU A 391 -44.19 5.71 6.14
CA GLU A 391 -44.54 6.47 7.33
C GLU A 391 -43.67 6.10 8.52
N GLU A 392 -43.41 4.80 8.73
CA GLU A 392 -42.58 4.51 9.89
C GLU A 392 -41.14 4.95 9.63
N PHE A 393 -40.69 4.82 8.38
CA PHE A 393 -39.34 5.25 8.04
C PHE A 393 -39.16 6.74 8.32
N LEU A 394 -40.11 7.56 7.86
CA LEU A 394 -39.97 9.00 8.08
C LEU A 394 -40.14 9.37 9.54
N LYS A 395 -41.03 8.68 10.28
CA LYS A 395 -41.18 8.95 11.70
C LYS A 395 -39.92 8.58 12.46
N ALA A 396 -39.33 7.44 12.11
CA ALA A 396 -38.07 7.08 12.77
C ALA A 396 -37.00 8.13 12.49
N LEU A 397 -37.00 8.70 11.28
CA LEU A 397 -35.96 9.64 10.90
C LEU A 397 -36.16 11.01 11.54
N THR A 398 -37.40 11.53 11.53
CA THR A 398 -37.67 12.87 12.05
C THR A 398 -37.92 12.91 13.55
N LYS A 399 -38.37 11.80 14.14
CA LYS A 399 -38.74 11.74 15.55
C LYS A 399 -38.28 10.42 16.15
N PRO A 400 -36.98 10.17 16.17
CA PRO A 400 -36.48 8.93 16.78
C PRO A 400 -36.79 8.85 18.27
N ARG A 401 -36.79 7.62 18.79
CA ARG A 401 -37.14 7.36 20.18
C ARG A 401 -35.90 6.98 20.98
N VAL A 402 -35.78 7.55 22.19
CA VAL A 402 -34.65 7.34 23.10
C VAL A 402 -35.18 6.80 24.42
N LYS A 403 -34.66 5.66 24.86
CA LYS A 403 -35.07 5.03 26.11
C LYS A 403 -34.48 5.78 27.29
N VAL A 404 -35.31 6.59 27.96
CA VAL A 404 -34.98 7.20 29.24
C VAL A 404 -36.27 7.74 29.88
N THR A 406 -36.60 4.57 32.00
CA THR A 406 -37.30 3.32 31.70
C THR A 406 -38.43 3.54 30.70
N GLU A 407 -38.50 4.72 30.09
CA GLU A 407 -39.58 5.04 29.16
C GLU A 407 -39.02 5.51 27.83
N TRP A 408 -39.69 5.11 26.75
CA TRP A 408 -39.40 5.61 25.41
C TRP A 408 -39.91 7.05 25.27
N VAL A 409 -38.99 8.00 25.11
CA VAL A 409 -39.34 9.38 24.80
C VAL A 409 -38.99 9.68 23.35
N SER A 410 -39.81 10.53 22.72
CA SER A 410 -39.55 11.00 21.37
C SER A 410 -38.58 12.18 21.37
N LYS A 411 -37.64 12.14 20.45
CA LYS A 411 -36.61 13.17 20.35
C LYS A 411 -36.79 13.91 19.04
N GLY A 412 -36.98 15.22 19.11
CA GLY A 412 -37.15 16.01 17.91
C GLY A 412 -35.84 16.21 17.17
N GLN A 413 -35.95 16.38 15.85
CA GLN A 413 -34.80 16.61 14.98
C GLN A 413 -35.08 17.78 14.05
N ASN A 414 -34.13 18.69 13.93
CA ASN A 414 -34.24 19.74 12.95
C ASN A 414 -33.68 19.23 11.61
N CYS A 415 -33.64 20.10 10.59
CA CYS A 415 -33.20 19.63 9.27
C CYS A 415 -31.73 19.26 9.27
N GLU A 416 -30.91 20.02 9.97
CA GLU A 416 -29.50 19.67 10.06
C GLU A 416 -29.32 18.27 10.64
N GLN A 417 -30.06 17.98 11.72
CA GLN A 417 -29.94 16.69 12.38
C GLN A 417 -30.43 15.54 11.50
N VAL A 418 -31.57 15.75 10.81
CA VAL A 418 -32.06 14.73 9.89
C VAL A 418 -31.06 14.46 8.79
N ASN A 419 -30.51 15.52 8.18
CA ASN A 419 -29.52 15.34 7.13
C ASN A 419 -28.28 14.60 7.64
N TRP A 420 -27.79 14.96 8.83
CA TRP A 420 -26.70 14.20 9.47
C TRP A 420 -27.05 12.74 9.57
N ALA A 421 -28.24 12.46 10.09
CA ALA A 421 -28.69 11.10 10.32
C ALA A 421 -28.80 10.33 9.03
N VAL A 422 -29.31 10.96 7.96
CA VAL A 422 -29.41 10.26 6.67
C VAL A 422 -28.02 9.88 6.14
N GLY A 423 -27.08 10.82 6.19
CA GLY A 423 -25.73 10.53 5.72
C GLY A 423 -25.06 9.44 6.54
N ALA A 424 -25.27 9.47 7.85
CA ALA A 424 -24.65 8.46 8.72
C ALA A 424 -25.24 7.09 8.43
N MET A 425 -26.56 7.01 8.31
CA MET A 425 -27.22 5.76 7.96
C MET A 425 -26.73 5.23 6.61
N ALA A 426 -26.66 6.11 5.62
CA ALA A 426 -26.29 5.65 4.28
C ALA A 426 -24.87 5.08 4.31
N LYS A 427 -23.97 5.75 5.02
CA LYS A 427 -22.58 5.23 5.12
C LYS A 427 -22.54 3.91 5.87
N GLY A 428 -23.27 3.80 6.99
CA GLY A 428 -23.22 2.58 7.79
C GLY A 428 -23.88 1.41 7.09
N LEU A 429 -24.93 1.67 6.32
CA LEU A 429 -25.58 0.61 5.56
C LEU A 429 -24.70 0.14 4.40
N TYR A 430 -24.09 1.09 3.66
CA TYR A 430 -23.18 0.68 2.58
C TYR A 430 -22.01 -0.13 3.10
N SER A 431 -21.45 0.31 4.23
CA SER A 431 -20.30 -0.36 4.83
C SER A 431 -20.64 -1.82 5.12
N ARG A 432 -21.83 -2.06 5.65
CA ARG A 432 -22.31 -3.40 5.98
C ARG A 432 -22.65 -4.23 4.75
N VAL A 433 -23.12 -3.60 3.66
CA VAL A 433 -23.27 -4.35 2.41
C VAL A 433 -21.90 -4.84 1.93
N PHE A 434 -20.90 -3.96 1.94
CA PHE A 434 -19.57 -4.35 1.50
C PHE A 434 -19.03 -5.49 2.36
N ASN A 435 -19.16 -5.37 3.69
CA ASN A 435 -18.73 -6.45 4.56
C ASN A 435 -19.42 -7.77 4.22
N TRP A 436 -20.73 -7.71 3.94
CA TRP A 436 -21.48 -8.90 3.53
C TRP A 436 -20.97 -9.47 2.21
N LEU A 437 -20.65 -8.63 1.23
CA LEU A 437 -20.12 -9.16 -0.03
C LEU A 437 -18.82 -9.91 0.20
N VAL A 438 -17.93 -9.35 1.02
CA VAL A 438 -16.67 -10.04 1.34
C VAL A 438 -16.94 -11.38 2.04
N LYS A 439 -17.81 -11.37 3.05
CA LYS A 439 -18.09 -12.61 3.80
C LYS A 439 -18.68 -13.69 2.91
N LYS A 440 -19.59 -13.29 1.99
CA LYS A 440 -20.18 -14.22 1.02
C LYS A 440 -19.14 -14.76 0.05
N CYS A 441 -18.23 -13.90 -0.43
CA CYS A 441 -17.12 -14.38 -1.24
C CYS A 441 -16.29 -15.41 -0.47
N ASN A 442 -15.95 -15.10 0.79
CA ASN A 442 -15.14 -16.01 1.61
C ASN A 442 -15.82 -17.36 1.78
N LEU A 443 -17.16 -17.38 1.93
CA LEU A 443 -17.84 -18.68 2.05
C LEU A 443 -17.76 -19.47 0.76
N THR A 444 -17.92 -18.79 -0.38
CA THR A 444 -17.81 -19.49 -1.65
C THR A 444 -16.41 -20.07 -1.87
N LEU A 445 -15.37 -19.33 -1.51
CA LEU A 445 -13.99 -19.73 -1.73
C LEU A 445 -13.46 -20.72 -0.69
N ASP A 446 -14.28 -21.16 0.26
CA ASP A 446 -13.88 -22.09 1.30
C ASP A 446 -14.52 -23.47 1.06
N GLN A 447 -14.08 -24.17 0.02
CA GLN A 447 -14.66 -25.43 -0.41
C GLN A 447 -13.91 -26.65 0.13
N LYS A 448 -14.62 -27.76 0.22
CA LYS A 448 -13.97 -29.00 0.63
C LYS A 448 -12.92 -29.43 -0.40
N GLY A 449 -12.02 -30.31 0.02
CA GLY A 449 -11.25 -31.01 -0.97
C GLY A 449 -9.76 -31.10 -0.69
N ILE A 450 -9.13 -29.97 -0.41
CA ILE A 450 -7.67 -29.89 -0.35
C ILE A 450 -7.27 -29.39 1.04
N ASP A 451 -6.24 -30.00 1.63
CA ASP A 451 -5.82 -29.58 2.97
C ASP A 451 -5.30 -28.15 2.92
N ARG A 452 -5.54 -27.41 3.98
CA ARG A 452 -5.00 -26.06 4.14
C ARG A 452 -3.75 -26.22 5.02
N ASP A 453 -2.59 -26.46 4.39
CA ASP A 453 -1.37 -26.66 5.14
C ASP A 453 -0.59 -25.36 5.33
N TYR A 454 -0.51 -24.53 4.29
CA TYR A 454 0.26 -23.27 4.34
C TYR A 454 -0.54 -22.20 3.62
N PHE A 455 -0.13 -20.94 3.80
CA PHE A 455 -0.74 -19.88 3.00
C PHE A 455 0.32 -18.86 2.62
N ILE A 456 -0.03 -18.10 1.59
CA ILE A 456 0.68 -16.88 1.23
C ILE A 456 -0.33 -15.74 1.34
N GLY A 457 -0.04 -14.75 2.17
CA GLY A 457 -0.96 -13.63 2.41
C GLY A 457 -0.47 -12.40 1.66
N VAL A 458 -1.34 -11.82 0.85
CA VAL A 458 -0.99 -10.64 0.04
C VAL A 458 -1.69 -9.43 0.67
N LEU A 459 -0.89 -8.47 1.09
CA LEU A 459 -1.37 -7.27 1.78
C LEU A 459 -1.21 -6.10 0.82
N ASP A 460 -2.31 -5.40 0.56
CA ASP A 460 -2.29 -4.23 -0.37
C ASP A 460 -3.03 -3.07 0.30
N ILE A 461 -2.28 -2.10 0.83
CA ILE A 461 -2.90 -0.96 1.51
C ILE A 461 -2.01 0.24 1.26
N ALA A 462 -2.64 1.39 1.27
CA ALA A 462 -1.97 2.62 0.93
C ALA A 462 -0.88 2.91 1.94
N GLY A 463 0.12 3.68 1.49
CA GLY A 463 1.20 4.14 2.33
C GLY A 463 0.79 5.33 3.21
N PHE A 464 1.79 5.99 3.76
CA PHE A 464 1.57 7.20 4.57
C PHE A 464 0.76 8.23 3.80
N GLU A 465 -0.10 8.95 4.52
CA GLU A 465 -0.92 10.03 3.98
C GLU A 465 -0.65 11.30 4.77
N ILE A 466 -0.20 12.33 4.08
CA ILE A 466 0.05 13.62 4.70
C ILE A 466 -0.66 14.63 3.83
N PHE A 467 -1.80 15.13 4.28
CA PHE A 467 -2.63 16.05 3.51
C PHE A 467 -2.58 17.44 4.14
N ASP A 468 -3.27 18.38 3.47
CA ASP A 468 -3.46 19.70 4.06
C ASP A 468 -4.22 19.62 5.38
N PHE A 469 -5.20 18.74 5.44
CA PHE A 469 -6.03 18.49 6.60
C PHE A 469 -5.96 17.00 6.91
N ASN A 470 -5.46 16.65 8.10
CA ASN A 470 -5.32 15.25 8.51
C ASN A 470 -6.22 14.95 9.71
N SER A 471 -7.03 13.91 9.57
CA SER A 471 -8.00 13.56 10.57
C SER A 471 -7.79 12.13 11.08
N PHE A 472 -8.84 11.60 11.69
CA PHE A 472 -8.87 10.28 12.33
C PHE A 472 -8.46 9.19 11.37
N GLU A 473 -8.93 9.28 10.11
CA GLU A 473 -8.61 8.29 9.10
C GLU A 473 -7.14 8.34 8.74
N GLN A 474 -6.56 9.54 8.66
CA GLN A 474 -5.13 9.63 8.39
C GLN A 474 -4.31 9.11 9.57
N LEU A 475 -4.75 9.40 10.80
CA LEU A 475 -4.04 8.86 11.96
C LEU A 475 -3.94 7.34 11.88
N TRP A 476 -5.05 6.68 11.54
CA TRP A 476 -5.03 5.21 11.50
C TRP A 476 -4.16 4.70 10.35
N ILE A 477 -4.24 5.32 9.17
CA ILE A 477 -3.43 4.79 8.07
C ILE A 477 -1.94 5.05 8.34
N ASN A 478 -1.61 6.19 8.95
CA ASN A 478 -0.20 6.44 9.24
C ASN A 478 0.31 5.54 10.37
N PHE A 479 -0.54 5.23 11.36
CA PHE A 479 -0.17 4.26 12.39
C PHE A 479 0.08 2.89 11.78
N VAL A 480 -0.83 2.44 10.90
CA VAL A 480 -0.63 1.16 10.20
C VAL A 480 0.73 1.14 9.51
N ASN A 481 1.06 2.20 8.80
CA ASN A 481 2.31 2.19 8.06
C ASN A 481 3.54 2.32 8.96
N GLU A 482 3.45 2.97 10.13
CA GLU A 482 4.53 2.85 11.11
C GLU A 482 4.78 1.38 11.45
N LYS A 483 3.72 0.65 11.78
CA LYS A 483 3.83 -0.77 12.08
C LYS A 483 4.46 -1.56 10.93
N LEU A 484 4.04 -1.27 9.68
CA LEU A 484 4.55 -2.04 8.55
C LEU A 484 6.00 -1.69 8.25
N GLN A 485 6.36 -0.42 8.39
CA GLN A 485 7.76 -0.07 8.17
C GLN A 485 8.65 -0.64 9.28
N GLN A 486 8.15 -0.63 10.52
CA GLN A 486 8.91 -1.29 11.60
C GLN A 486 9.07 -2.77 11.31
N PHE A 487 8.01 -3.40 10.78
CA PHE A 487 8.06 -4.81 10.38
C PHE A 487 9.18 -5.07 9.37
N PHE A 488 9.25 -4.24 8.33
CA PHE A 488 10.37 -4.34 7.41
C PHE A 488 11.72 -4.18 8.13
N ASN A 489 11.88 -3.08 8.90
CA ASN A 489 13.17 -2.81 9.57
C ASN A 489 13.60 -4.00 10.40
N HIS A 490 12.64 -4.61 11.11
CA HIS A 490 12.96 -5.76 11.96
C HIS A 490 13.36 -6.97 11.13
N HIS A 491 12.64 -7.22 10.02
CA HIS A 491 12.99 -8.30 9.13
C HIS A 491 14.40 -8.13 8.57
N MET A 492 14.72 -6.93 8.11
CA MET A 492 16.07 -6.67 7.61
C MET A 492 17.11 -6.93 8.69
N PHE A 493 16.83 -6.50 9.93
CA PHE A 493 17.75 -6.68 11.05
C PHE A 493 17.95 -8.15 11.37
N VAL A 494 16.87 -8.93 11.44
CA VAL A 494 17.01 -10.37 11.74
C VAL A 494 17.86 -11.07 10.69
N LEU A 495 17.64 -10.75 9.40
CA LEU A 495 18.42 -11.41 8.34
C LEU A 495 19.90 -11.07 8.44
N GLU A 496 20.23 -9.80 8.70
CA GLU A 496 21.62 -9.41 8.88
C GLU A 496 22.26 -10.12 10.07
N GLN A 497 21.58 -10.10 11.21
CA GLN A 497 22.08 -10.73 12.43
C GLN A 497 22.30 -12.22 12.21
N GLU A 498 21.34 -12.90 11.56
CA GLU A 498 21.48 -14.33 11.34
C GLU A 498 22.65 -14.63 10.41
N GLU A 499 22.83 -13.82 9.37
CA GLU A 499 23.93 -14.01 8.44
C GLU A 499 25.28 -13.86 9.14
N TYR A 500 25.47 -12.78 9.90
CA TYR A 500 26.70 -12.57 10.65
C TYR A 500 26.93 -13.70 11.64
N ALA A 501 25.88 -14.10 12.36
CA ALA A 501 25.98 -15.21 13.29
C ALA A 501 26.52 -16.45 12.62
N ARG A 502 25.92 -16.87 11.52
CA ARG A 502 26.39 -18.12 10.98
C ARG A 502 27.72 -17.97 10.25
N GLU A 503 28.17 -16.75 9.95
CA GLU A 503 29.47 -16.54 9.35
C GLU A 503 30.56 -16.36 10.39
N GLY A 504 30.19 -16.36 11.67
CA GLY A 504 31.14 -16.13 12.74
C GLY A 504 31.65 -14.73 12.86
N ILE A 505 30.88 -13.73 12.39
CA ILE A 505 31.32 -12.34 12.35
C ILE A 505 30.45 -11.45 13.22
N GLN A 506 29.73 -11.99 14.18
CA GLN A 506 28.71 -11.21 14.84
C GLN A 506 29.31 -9.95 15.46
N TRP A 507 28.88 -8.80 14.96
CA TRP A 507 28.99 -7.55 15.71
C TRP A 507 27.62 -7.21 16.25
N VAL A 508 27.60 -6.55 17.41
CA VAL A 508 26.40 -6.32 18.19
C VAL A 508 25.79 -4.99 17.77
N PHE A 509 24.57 -5.03 17.23
CA PHE A 509 23.86 -3.83 16.82
C PHE A 509 22.42 -3.89 17.31
N ILE A 510 21.82 -2.76 17.40
CA ILE A 510 20.49 -2.66 17.98
C ILE A 510 19.47 -2.91 16.88
N ASP A 511 18.39 -3.62 17.20
CA ASP A 511 17.28 -3.89 16.28
C ASP A 511 16.84 -2.63 15.55
N PHE A 512 16.95 -2.67 14.21
CA PHE A 512 16.55 -1.51 13.39
C PHE A 512 15.08 -1.13 13.63
N GLY A 513 14.22 -2.07 14.03
CA GLY A 513 12.82 -1.71 14.26
C GLY A 513 12.60 -0.76 15.42
N LEU A 514 13.59 -0.61 16.28
CA LEU A 514 13.47 0.36 17.37
C LEU A 514 13.44 1.81 16.88
N ASP A 515 13.87 2.07 15.65
CA ASP A 515 13.82 3.41 15.12
C ASP A 515 12.37 3.94 14.99
N LEU A 516 11.37 3.05 14.96
CA LEU A 516 9.97 3.44 14.84
C LEU A 516 9.20 3.28 16.14
N GLN A 517 9.84 2.78 17.18
CA GLN A 517 9.11 2.32 18.35
C GLN A 517 8.55 3.48 19.16
N ALA A 518 9.28 4.61 19.22
CA ALA A 518 8.82 5.75 20.03
C ALA A 518 7.50 6.31 19.49
N CYS A 519 7.43 6.55 18.20
CA CYS A 519 6.18 7.01 17.60
C CYS A 519 5.06 5.99 17.79
N ILE A 520 5.36 4.70 17.59
CA ILE A 520 4.36 3.68 17.78
C ILE A 520 3.84 3.69 19.21
N GLU A 521 4.75 3.79 20.18
CA GLU A 521 4.34 3.84 21.58
C GLU A 521 3.46 5.06 21.87
N LEU A 522 3.83 6.21 21.33
CA LEU A 522 3.00 7.42 21.49
C LEU A 522 1.57 7.15 21.05
N ILE A 523 1.40 6.41 19.96
CA ILE A 523 0.06 6.16 19.45
C ILE A 523 -0.64 5.08 20.26
N GLU A 524 0.07 4.00 20.62
CA GLU A 524 -0.60 2.77 21.06
C GLU A 524 -0.55 2.48 22.56
N LYS A 525 0.25 3.20 23.35
CA LYS A 525 0.43 2.85 24.76
C LYS A 525 -0.76 3.39 25.57
N PRO A 526 -0.90 2.97 26.83
CA PRO A 526 -1.95 3.55 27.68
C PRO A 526 -1.83 5.06 27.81
N LEU A 527 -2.96 5.73 27.61
CA LEU A 527 -3.05 7.18 27.46
C LEU A 527 -2.19 7.74 26.32
N GLY A 528 -1.71 6.91 25.41
CA GLY A 528 -1.26 7.46 24.14
C GLY A 528 -2.47 7.95 23.34
N ILE A 529 -2.23 8.26 22.05
CA ILE A 529 -3.24 8.98 21.25
C ILE A 529 -4.56 8.21 21.22
N ILE A 530 -4.51 6.93 20.86
CA ILE A 530 -5.73 6.16 20.65
C ILE A 530 -6.42 5.89 21.99
N SER A 531 -5.64 5.55 23.01
CA SER A 531 -6.21 5.28 24.32
C SER A 531 -6.91 6.52 24.90
N MET A 532 -6.30 7.70 24.77
CA MET A 532 -6.95 8.92 25.25
C MET A 532 -8.25 9.20 24.51
N LEU A 533 -8.27 8.91 23.20
CA LEU A 533 -9.49 9.05 22.42
C LEU A 533 -10.57 8.09 22.90
N ASP A 534 -10.22 6.81 23.08
CA ASP A 534 -11.19 5.82 23.55
C ASP A 534 -11.76 6.24 24.90
N GLU A 535 -10.92 6.69 25.81
CA GLU A 535 -11.38 7.09 27.14
C GLU A 535 -12.22 8.34 27.07
N GLU A 536 -11.80 9.32 26.26
CA GLU A 536 -12.52 10.59 26.27
C GLU A 536 -13.88 10.48 25.61
N CYS A 537 -13.98 9.64 24.58
CA CYS A 537 -15.22 9.50 23.76
C CYS A 537 -16.45 9.10 24.59
N ILE A 538 -16.23 8.59 25.80
CA ILE A 538 -17.29 8.14 26.69
C ILE A 538 -17.46 9.04 27.92
N VAL A 539 -16.78 10.19 27.98
CA VAL A 539 -16.83 11.07 29.13
C VAL A 539 -17.94 12.09 28.89
N PRO A 540 -18.95 12.18 29.76
CA PRO A 540 -20.02 13.15 29.54
C PRO A 540 -19.44 14.55 29.49
N LYS A 541 -19.96 15.36 28.58
CA LYS A 541 -19.58 16.74 28.31
C LYS A 541 -18.26 16.87 27.57
N ALA A 542 -17.56 15.77 27.31
CA ALA A 542 -16.30 15.84 26.56
C ALA A 542 -16.56 16.37 25.17
N THR A 543 -15.54 17.03 24.61
CA THR A 543 -15.59 17.53 23.23
C THR A 543 -14.27 17.22 22.55
N ASP A 544 -14.22 17.50 21.25
CA ASP A 544 -12.96 17.37 20.54
C ASP A 544 -11.89 18.27 21.16
N LEU A 545 -12.30 19.43 21.69
CA LEU A 545 -11.33 20.32 22.34
C LEU A 545 -10.85 19.80 23.69
N THR A 546 -11.72 19.13 24.47
CA THR A 546 -11.21 18.55 25.70
C THR A 546 -10.25 17.41 25.41
N LEU A 547 -10.53 16.61 24.38
CA LEU A 547 -9.57 15.59 23.95
C LEU A 547 -8.23 16.22 23.64
N ALA A 548 -8.24 17.28 22.82
CA ALA A 548 -6.99 17.86 22.36
C ALA A 548 -6.19 18.46 23.52
N SER A 549 -6.86 19.17 24.45
CA SER A 549 -6.14 19.67 25.63
C SER A 549 -5.57 18.53 26.45
N LYS A 550 -6.31 17.42 26.59
CA LYS A 550 -5.77 16.29 27.34
C LYS A 550 -4.56 15.69 26.64
N LEU A 551 -4.59 15.58 25.32
CA LEU A 551 -3.45 15.03 24.59
C LEU A 551 -2.21 15.90 24.79
N VAL A 552 -2.37 17.22 24.60
CA VAL A 552 -1.29 18.18 24.83
C VAL A 552 -0.78 18.10 26.25
N ASP A 553 -1.69 18.04 27.21
CA ASP A 553 -1.31 17.94 28.62
C ASP A 553 -0.49 16.69 28.90
N GLN A 554 -0.87 15.56 28.31
CA GLN A 554 -0.21 14.28 28.61
C GLN A 554 1.16 14.17 27.94
N HIS A 555 1.35 14.80 26.77
CA HIS A 555 2.49 14.44 25.90
C HIS A 555 3.40 15.58 25.47
N LEU A 556 2.88 16.79 25.32
CA LEU A 556 3.67 17.87 24.76
C LEU A 556 4.84 18.20 25.69
N GLY A 557 6.05 18.22 25.13
CA GLY A 557 7.27 18.35 25.88
C GLY A 557 7.66 17.15 26.68
N LYS A 558 6.93 16.04 26.58
CA LYS A 558 7.32 14.81 27.24
C LYS A 558 7.57 13.67 26.26
N HIS A 559 6.94 13.70 25.10
CA HIS A 559 7.27 12.71 24.09
C HIS A 559 7.87 13.46 22.93
N PRO A 560 9.07 13.12 22.50
CA PRO A 560 9.70 13.87 21.39
C PRO A 560 8.97 13.77 20.03
N ASN A 561 8.09 12.79 19.82
CA ASN A 561 7.39 12.72 18.55
C ASN A 561 6.06 13.47 18.57
N PHE A 562 5.71 14.09 19.69
CA PHE A 562 4.47 14.86 19.83
C PHE A 562 4.86 16.34 19.85
N GLU A 563 4.28 17.13 18.95
CA GLU A 563 4.63 18.55 18.83
C GLU A 563 3.38 19.40 18.77
N LYS A 564 3.55 20.71 19.10
CA LYS A 564 2.48 21.60 18.72
C LYS A 564 2.60 21.93 17.23
N PRO A 565 1.47 22.10 16.54
CA PRO A 565 1.53 22.22 15.08
C PRO A 565 1.99 23.59 14.63
N LYS A 566 2.66 23.61 13.48
CA LYS A 566 3.04 24.87 12.88
C LYS A 566 1.81 25.65 12.45
N PRO A 567 1.90 26.98 12.41
CA PRO A 567 0.80 27.79 11.89
C PRO A 567 0.44 27.37 10.49
N PRO A 568 -0.83 27.41 10.16
CA PRO A 568 -1.28 26.95 8.85
C PRO A 568 -0.55 27.59 7.67
N LYS A 569 0.66 27.12 7.36
CA LYS A 569 1.35 27.59 6.16
C LYS A 569 0.62 27.09 4.93
N GLY A 570 0.80 27.79 3.83
CA GLY A 570 0.16 27.35 2.59
C GLY A 570 -1.35 27.29 2.73
N LYS A 571 -1.94 26.11 2.52
CA LYS A 571 -3.37 25.92 2.75
C LYS A 571 -3.62 24.86 3.82
N GLN A 572 -2.66 24.65 4.72
CA GLN A 572 -2.87 23.79 5.87
C GLN A 572 -4.05 24.31 6.70
N GLY A 573 -4.91 23.40 7.13
CA GLY A 573 -5.99 23.79 8.02
C GLY A 573 -5.46 24.06 9.42
N GLU A 574 -6.38 24.44 10.31
CA GLU A 574 -6.01 24.45 11.71
C GLU A 574 -5.73 23.02 12.16
N ALA A 575 -4.91 22.89 13.19
CA ALA A 575 -4.49 21.60 13.72
C ALA A 575 -4.37 21.72 15.24
N HIS A 576 -4.59 20.61 15.92
CA HIS A 576 -4.49 20.60 17.38
C HIS A 576 -3.19 20.01 17.90
N PHE A 577 -2.57 19.11 17.15
CA PHE A 577 -1.27 18.59 17.53
C PHE A 577 -0.58 18.04 16.27
N ALA A 578 0.70 17.79 16.41
CA ALA A 578 1.46 17.22 15.30
C ALA A 578 2.23 16.02 15.81
N MET A 579 2.48 15.08 14.90
CA MET A 579 3.33 13.95 15.22
C MET A 579 4.40 13.80 14.14
N ARG A 580 5.58 13.39 14.60
CA ARG A 580 6.74 13.14 13.76
C ARG A 580 6.71 11.67 13.38
N HIS A 581 6.16 11.38 12.21
CA HIS A 581 6.08 10.02 11.69
C HIS A 581 7.35 9.68 10.91
N TYR A 582 7.44 8.39 10.52
CA TYR A 582 8.53 7.96 9.65
C TYR A 582 8.62 8.83 8.40
N ALA A 583 7.47 9.14 7.81
CA ALA A 583 7.39 9.85 6.54
C ALA A 583 7.38 11.37 6.70
N GLY A 584 7.49 11.89 7.92
CA GLY A 584 7.48 13.32 8.10
C GLY A 584 6.52 13.75 9.20
N THR A 585 6.46 15.06 9.39
CA THR A 585 5.64 15.63 10.44
C THR A 585 4.21 15.79 9.92
N VAL A 586 3.23 15.32 10.69
CA VAL A 586 1.85 15.35 10.26
C VAL A 586 1.04 16.21 11.22
N ARG A 587 0.31 17.19 10.70
CA ARG A 587 -0.54 18.06 11.52
C ARG A 587 -1.94 17.45 11.59
N TYR A 588 -2.39 17.14 12.78
CA TYR A 588 -3.69 16.50 12.98
C TYR A 588 -4.69 17.49 13.56
N ASN A 589 -5.90 17.43 13.03
CA ASN A 589 -7.04 18.17 13.50
C ASN A 589 -8.04 17.18 14.10
N CYS A 590 -8.39 17.40 15.38
CA CYS A 590 -9.24 16.47 16.12
C CYS A 590 -10.75 16.71 15.92
N LEU A 591 -11.15 17.61 15.04
CA LEU A 591 -12.57 17.84 14.77
C LEU A 591 -13.32 16.55 14.47
N ASN A 592 -14.40 16.32 15.22
CA ASN A 592 -15.30 15.17 15.10
C ASN A 592 -14.65 13.84 15.45
N TRP A 593 -13.51 13.81 16.17
CA TRP A 593 -12.90 12.51 16.46
C TRP A 593 -13.74 11.70 17.44
N LEU A 594 -14.37 12.36 18.43
CA LEU A 594 -15.22 11.61 19.36
C LEU A 594 -16.38 10.97 18.63
N GLU A 595 -16.98 11.69 17.69
CA GLU A 595 -18.07 11.14 16.90
C GLU A 595 -17.59 10.02 15.98
N LYS A 596 -16.49 10.24 15.26
CA LYS A 596 -15.92 9.18 14.43
C LYS A 596 -15.59 7.93 15.24
N ASN A 597 -15.16 8.08 16.50
CA ASN A 597 -14.80 6.93 17.29
C ASN A 597 -16.02 6.14 17.79
N LYS A 598 -17.20 6.74 17.82
CA LYS A 598 -18.38 6.02 18.29
C LYS A 598 -19.30 5.60 17.16
N ASP A 599 -19.24 6.29 16.02
CA ASP A 599 -20.03 5.95 14.84
C ASP A 599 -21.54 5.85 15.13
N PRO A 600 -22.13 6.88 15.74
CA PRO A 600 -23.53 6.75 16.16
C PRO A 600 -24.48 6.68 14.97
N LEU A 601 -25.56 5.92 15.15
CA LEU A 601 -26.59 5.81 14.12
C LEU A 601 -27.94 6.09 14.76
N ASN A 602 -28.92 6.38 13.91
CA ASN A 602 -30.31 6.51 14.36
C ASN A 602 -30.86 5.12 14.64
N ASP A 603 -30.97 4.79 15.93
CA ASP A 603 -31.34 3.44 16.35
C ASP A 603 -32.78 3.11 15.98
N THR A 604 -33.66 4.12 15.96
CA THR A 604 -35.04 3.85 15.58
C THR A 604 -35.11 3.47 14.10
N VAL A 605 -34.34 4.15 13.24
CA VAL A 605 -34.30 3.75 11.83
C VAL A 605 -33.72 2.34 11.67
N VAL A 606 -32.60 2.05 12.35
CA VAL A 606 -32.03 0.70 12.24
C VAL A 606 -33.06 -0.34 12.70
N SER A 607 -33.75 -0.03 13.79
CA SER A 607 -34.77 -0.97 14.27
C SER A 607 -35.86 -1.21 13.22
N ALA A 608 -36.33 -0.17 12.53
CA ALA A 608 -37.34 -0.38 11.51
C ALA A 608 -36.80 -1.21 10.35
N MET A 609 -35.53 -1.01 10.00
CA MET A 609 -34.94 -1.81 8.94
C MET A 609 -34.80 -3.26 9.37
N LYS A 610 -34.37 -3.50 10.61
CA LYS A 610 -34.23 -4.88 11.08
C LYS A 610 -35.57 -5.59 11.15
N GLN A 611 -36.69 -4.86 11.18
CA GLN A 611 -38.00 -5.49 11.16
C GLN A 611 -38.57 -5.64 9.76
N SER A 612 -37.84 -5.27 8.71
CA SER A 612 -38.41 -5.31 7.37
C SER A 612 -38.82 -6.72 6.96
N LYS A 613 -39.98 -6.82 6.31
CA LYS A 613 -40.42 -8.07 5.71
C LYS A 613 -40.30 -8.05 4.20
N GLY A 614 -39.83 -6.95 3.63
CA GLY A 614 -39.74 -6.86 2.19
C GLY A 614 -38.32 -6.88 1.63
N ASN A 615 -37.29 -7.05 2.47
CA ASN A 615 -35.92 -7.09 1.94
C ASN A 615 -35.05 -7.86 2.94
N ASP A 616 -34.91 -9.17 2.70
CA ASP A 616 -34.19 -10.04 3.63
C ASP A 616 -32.72 -9.66 3.75
N LEU A 617 -32.09 -9.15 2.69
CA LEU A 617 -30.69 -8.77 2.80
C LEU A 617 -30.52 -7.61 3.76
N LEU A 618 -31.47 -6.67 3.76
CA LEU A 618 -31.44 -5.58 4.71
C LEU A 618 -31.46 -6.08 6.15
N VAL A 619 -32.32 -7.07 6.44
CA VAL A 619 -32.34 -7.65 7.79
C VAL A 619 -30.99 -8.29 8.10
N GLU A 620 -30.41 -8.98 7.11
CA GLU A 620 -29.15 -9.70 7.33
C GLU A 620 -28.01 -8.73 7.67
N ILE A 621 -27.81 -7.69 6.87
CA ILE A 621 -26.66 -6.82 7.07
C ILE A 621 -26.71 -6.06 8.38
N TRP A 622 -27.86 -5.97 9.02
CA TRP A 622 -27.93 -5.35 10.35
C TRP A 622 -27.82 -6.37 11.49
N GLN A 623 -27.53 -7.63 11.19
CA GLN A 623 -27.49 -8.62 12.26
C GLN A 623 -26.37 -8.36 13.27
N ASP A 624 -25.27 -7.70 12.86
CA ASP A 624 -24.17 -7.38 13.78
C ASP A 624 -24.47 -6.22 14.72
N TYR A 625 -25.63 -5.58 14.61
CA TYR A 625 -25.93 -4.35 15.32
C TYR A 625 -27.03 -4.62 16.34
N THR A 626 -26.81 -4.21 17.57
CA THR A 626 -27.80 -4.42 18.63
C THR A 626 -28.55 -3.11 18.88
N THR A 627 -29.87 -3.12 18.73
CA THR A 627 -30.65 -1.92 18.97
C THR A 627 -30.87 -1.70 20.47
N GLN A 628 -31.45 -0.55 20.81
CA GLN A 628 -31.79 -0.27 22.21
C GLN A 628 -32.76 -1.33 22.75
N GLU A 629 -33.80 -1.65 21.96
CA GLU A 629 -34.79 -2.63 22.42
C GLU A 629 -34.18 -4.03 22.56
N GLU A 630 -33.26 -4.39 21.67
CA GLU A 630 -32.61 -5.69 21.77
C GLU A 630 -31.67 -5.75 22.97
N ALA A 631 -30.96 -4.64 23.23
CA ALA A 631 -30.10 -4.59 24.41
C ALA A 631 -30.89 -4.83 25.69
N ALA A 632 -32.05 -4.19 25.82
CA ALA A 632 -32.88 -4.38 27.01
C ALA A 632 -33.80 -5.60 26.85
N PHE A 651 -18.13 -1.42 26.10
CA PHE A 651 -18.44 -0.72 24.86
C PHE A 651 -17.29 -0.76 23.88
N MET A 652 -17.59 -1.10 22.63
CA MET A 652 -16.57 -1.26 21.58
C MET A 652 -16.54 0.00 20.71
N THR A 653 -15.47 0.78 20.82
CA THR A 653 -15.31 1.92 19.93
C THR A 653 -14.77 1.46 18.58
N VAL A 654 -14.78 2.39 17.63
CA VAL A 654 -14.18 2.09 16.34
C VAL A 654 -12.69 1.79 16.50
N SER A 655 -11.97 2.61 17.29
CA SER A 655 -10.53 2.41 17.45
C SER A 655 -10.21 1.09 18.13
N MET A 656 -11.10 0.61 19.00
CA MET A 656 -10.85 -0.70 19.62
C MET A 656 -10.93 -1.83 18.61
N LEU A 657 -11.91 -1.77 17.70
CA LEU A 657 -11.99 -2.72 16.61
C LEU A 657 -10.78 -2.59 15.69
N TYR A 658 -10.39 -1.35 15.36
CA TYR A 658 -9.22 -1.15 14.52
C TYR A 658 -7.95 -1.63 15.22
N ARG A 659 -7.84 -1.40 16.52
CA ARG A 659 -6.63 -1.85 17.22
C ARG A 659 -6.54 -3.38 17.25
N GLU A 660 -7.67 -4.05 17.45
CA GLU A 660 -7.71 -5.51 17.42
C GLU A 660 -7.35 -6.03 16.04
N SER A 661 -7.93 -5.41 15.01
CA SER A 661 -7.68 -5.83 13.65
C SER A 661 -6.21 -5.67 13.27
N LEU A 662 -5.62 -4.52 13.63
CA LEU A 662 -4.21 -4.32 13.33
C LEU A 662 -3.35 -5.26 14.13
N ASN A 663 -3.65 -5.46 15.42
CA ASN A 663 -2.80 -6.36 16.20
C ASN A 663 -2.86 -7.78 15.64
N ASN A 664 -4.03 -8.20 15.16
CA ASN A 664 -4.16 -9.53 14.58
C ASN A 664 -3.40 -9.66 13.25
N LEU A 665 -3.49 -8.62 12.41
CA LEU A 665 -2.68 -8.60 11.19
C LEU A 665 -1.21 -8.72 11.49
N MET A 666 -0.69 -7.91 12.43
CA MET A 666 0.74 -7.92 12.72
C MET A 666 1.18 -9.25 13.35
N THR A 667 0.38 -9.80 14.25
CA THR A 667 0.73 -11.11 14.81
C THR A 667 0.84 -12.15 13.71
N MET A 668 -0.03 -12.09 12.71
CA MET A 668 0.04 -13.07 11.63
C MET A 668 1.23 -12.81 10.71
N LEU A 669 1.45 -11.55 10.30
CA LEU A 669 2.64 -11.22 9.50
C LEU A 669 3.93 -11.68 10.17
N ASN A 670 3.99 -11.59 11.50
CA ASN A 670 5.24 -11.97 12.15
C ASN A 670 5.40 -13.48 12.27
N LYS A 671 4.38 -14.26 11.90
CA LYS A 671 4.56 -15.70 11.71
C LYS A 671 4.65 -16.08 10.24
N THR A 672 5.15 -15.18 9.41
CA THR A 672 5.37 -15.46 7.99
C THR A 672 6.76 -14.98 7.61
N HIS A 673 7.21 -15.47 6.46
CA HIS A 673 8.36 -14.97 5.74
C HIS A 673 7.88 -13.91 4.74
N PRO A 674 8.17 -12.63 4.97
CA PRO A 674 7.67 -11.56 4.10
C PRO A 674 8.54 -11.23 2.90
N HIS A 675 7.88 -10.71 1.87
CA HIS A 675 8.48 -10.22 0.65
C HIS A 675 7.87 -8.85 0.37
N PHE A 676 8.64 -7.90 -0.16
CA PHE A 676 8.25 -6.50 -0.14
C PHE A 676 8.24 -5.93 -1.54
N ILE A 677 7.08 -5.38 -1.94
CA ILE A 677 6.90 -4.79 -3.25
C ILE A 677 6.54 -3.32 -3.02
N ARG A 678 7.32 -2.43 -3.62
CA ARG A 678 7.18 -0.96 -3.41
C ARG A 678 6.77 -0.36 -4.74
N CYS A 679 5.50 -0.01 -4.87
CA CYS A 679 5.00 0.62 -6.10
C CYS A 679 5.23 2.13 -6.08
N ILE A 680 5.61 2.67 -7.23
CA ILE A 680 6.00 4.06 -7.40
C ILE A 680 5.13 4.67 -8.51
N ILE A 681 4.49 5.80 -8.24
CA ILE A 681 3.79 6.54 -9.29
C ILE A 681 4.81 7.50 -9.93
N PRO A 682 5.00 7.45 -11.26
CA PRO A 682 6.11 8.22 -11.87
C PRO A 682 5.83 9.71 -12.02
N ASN A 683 4.55 10.09 -12.15
CA ASN A 683 4.21 11.47 -12.43
C ASN A 683 2.74 11.66 -12.12
N GLU A 684 2.30 12.91 -12.16
CA GLU A 684 0.91 13.25 -11.89
C GLU A 684 0.00 13.24 -13.12
N LYS A 685 0.52 12.91 -14.31
CA LYS A 685 -0.25 13.07 -15.55
C LYS A 685 -0.68 11.76 -16.19
N LYS A 686 -0.46 10.64 -15.51
CA LYS A 686 -0.74 9.31 -16.10
C LYS A 686 -0.03 9.16 -17.45
N GLN A 687 1.16 9.74 -17.54
CA GLN A 687 1.97 9.70 -18.76
C GLN A 687 3.00 8.56 -18.71
N SER A 688 2.91 7.63 -19.65
CA SER A 688 3.87 6.54 -19.72
C SER A 688 5.29 7.07 -20.01
N GLY A 689 6.28 6.62 -19.25
CA GLY A 689 7.66 6.90 -19.58
C GLY A 689 8.23 8.20 -19.03
N MET A 690 7.41 9.04 -18.41
CA MET A 690 7.85 10.33 -17.90
C MET A 690 8.06 10.27 -16.39
N ILE A 691 9.19 10.80 -15.93
CA ILE A 691 9.52 10.79 -14.50
C ILE A 691 9.47 12.23 -13.97
N ASP A 692 8.66 12.45 -12.94
CA ASP A 692 8.71 13.65 -12.10
C ASP A 692 9.69 13.35 -10.97
N ALA A 693 10.90 13.94 -11.03
CA ALA A 693 11.99 13.45 -10.18
C ALA A 693 11.74 13.75 -8.72
N ALA A 694 11.21 14.94 -8.42
CA ALA A 694 10.87 15.29 -7.05
C ALA A 694 9.83 14.32 -6.48
N LEU A 695 8.77 14.04 -7.25
CA LEU A 695 7.74 13.10 -6.79
C LEU A 695 8.34 11.71 -6.55
N VAL A 696 9.16 11.23 -7.47
CA VAL A 696 9.76 9.89 -7.28
C VAL A 696 10.72 9.88 -6.10
N LEU A 697 11.59 10.89 -5.98
CA LEU A 697 12.46 10.93 -4.81
C LEU A 697 11.67 10.95 -3.51
N ASN A 698 10.55 11.68 -3.49
CA ASN A 698 9.80 11.76 -2.24
C ASN A 698 9.27 10.39 -1.85
N GLN A 699 8.78 9.63 -2.83
CA GLN A 699 8.27 8.31 -2.50
C GLN A 699 9.39 7.39 -2.00
N LEU A 700 10.56 7.49 -2.62
CA LEU A 700 11.70 6.64 -2.23
C LEU A 700 12.22 7.00 -0.84
N THR A 701 12.02 8.26 -0.43
CA THR A 701 12.39 8.69 0.92
C THR A 701 11.42 8.13 1.93
N CYS A 702 10.13 8.24 1.64
CA CYS A 702 9.10 7.86 2.58
C CYS A 702 8.78 6.37 2.58
N ASN A 703 9.20 5.61 1.57
CA ASN A 703 8.78 4.20 1.54
C ASN A 703 9.88 3.27 2.01
N GLY A 704 10.96 3.80 2.55
CA GLY A 704 12.02 2.94 3.06
C GLY A 704 13.14 2.59 2.09
N VAL A 705 12.98 2.85 0.79
CA VAL A 705 13.98 2.37 -0.17
C VAL A 705 15.32 3.07 0.06
N LEU A 706 15.30 4.40 0.12
CA LEU A 706 16.57 5.12 0.30
C LEU A 706 17.17 4.83 1.66
N GLU A 707 16.34 4.70 2.69
CA GLU A 707 16.91 4.38 4.00
C GLU A 707 17.49 2.97 3.99
N GLY A 708 16.85 2.02 3.30
CA GLY A 708 17.41 0.67 3.23
C GLY A 708 18.76 0.62 2.54
N ILE A 709 18.90 1.39 1.46
CA ILE A 709 20.18 1.47 0.77
C ILE A 709 21.24 2.09 1.69
N ARG A 710 20.86 3.12 2.45
CA ARG A 710 21.80 3.70 3.42
C ARG A 710 22.25 2.66 4.43
N ILE A 711 21.30 1.91 5.01
CA ILE A 711 21.66 0.96 6.05
C ILE A 711 22.56 -0.12 5.47
N CYS A 712 22.24 -0.57 4.26
CA CYS A 712 23.10 -1.48 3.51
C CYS A 712 24.50 -0.92 3.36
N ARG A 713 24.60 0.32 2.88
CA ARG A 713 25.89 0.93 2.62
C ARG A 713 26.75 1.02 3.89
N LYS A 714 26.12 1.28 5.05
CA LYS A 714 26.86 1.49 6.29
C LYS A 714 27.33 0.20 6.93
N GLY A 715 26.90 -0.94 6.43
CA GLY A 715 27.28 -2.20 7.02
C GLY A 715 28.39 -2.80 6.18
N PHE A 716 28.18 -4.03 5.72
CA PHE A 716 29.05 -4.69 4.74
C PHE A 716 28.17 -4.97 3.53
N PRO A 717 28.02 -4.00 2.64
CA PRO A 717 27.13 -4.19 1.50
C PRO A 717 27.49 -5.36 0.61
N ASN A 718 28.76 -5.76 0.56
CA ASN A 718 29.19 -6.80 -0.36
C ASN A 718 29.80 -7.97 0.41
N ARG A 719 29.52 -9.18 -0.07
CA ARG A 719 30.00 -10.45 0.47
C ARG A 719 30.39 -11.35 -0.68
N THR A 720 31.54 -12.04 -0.57
CA THR A 720 31.94 -12.97 -1.63
C THR A 720 32.46 -14.26 -1.03
N LEU A 721 31.95 -15.39 -1.52
CA LEU A 721 32.44 -16.68 -1.06
C LEU A 721 33.96 -16.78 -1.29
N HIS A 722 34.64 -17.48 -0.40
CA HIS A 722 36.10 -17.54 -0.47
C HIS A 722 36.61 -18.00 -1.84
N PRO A 723 36.15 -19.10 -2.43
CA PRO A 723 36.72 -19.48 -3.74
C PRO A 723 36.64 -18.38 -4.77
N ASP A 724 35.49 -17.70 -4.87
CA ASP A 724 35.32 -16.67 -5.89
C ASP A 724 36.15 -15.44 -5.61
N PHE A 725 36.43 -15.14 -4.33
CA PHE A 725 37.34 -14.04 -4.03
C PHE A 725 38.74 -14.38 -4.52
N VAL A 726 39.16 -15.62 -4.27
CA VAL A 726 40.50 -16.08 -4.64
C VAL A 726 40.69 -15.98 -6.15
N GLN A 727 39.72 -16.47 -6.92
CA GLN A 727 39.81 -16.32 -8.37
C GLN A 727 39.69 -14.87 -8.81
N ARG A 728 38.87 -14.08 -8.12
CA ARG A 728 38.69 -12.69 -8.52
C ARG A 728 39.99 -11.90 -8.36
N TYR A 729 40.67 -12.08 -7.23
CA TYR A 729 41.78 -11.20 -6.91
C TYR A 729 43.12 -11.92 -6.80
N ALA A 730 43.26 -13.11 -7.40
CA ALA A 730 44.57 -13.77 -7.38
C ALA A 730 45.66 -12.84 -7.89
N ILE A 731 45.38 -12.14 -9.01
CA ILE A 731 46.37 -11.30 -9.67
C ILE A 731 46.98 -10.29 -8.72
N LEU A 732 46.23 -9.83 -7.72
CA LEU A 732 46.80 -8.87 -6.78
C LEU A 732 47.74 -9.54 -5.77
N ALA A 733 47.69 -10.87 -5.66
CA ALA A 733 48.45 -11.60 -4.64
C ALA A 733 48.55 -13.08 -5.03
N ALA A 734 49.29 -13.36 -6.10
CA ALA A 734 49.24 -14.68 -6.74
C ALA A 734 49.85 -15.77 -5.85
N LYS A 735 50.95 -15.47 -5.16
CA LYS A 735 51.51 -16.46 -4.23
C LYS A 735 50.54 -16.74 -3.09
N GLU A 736 49.99 -15.67 -2.50
CA GLU A 736 49.01 -15.83 -1.43
C GLU A 736 47.82 -16.64 -1.89
N ALA A 737 47.38 -16.39 -3.13
CA ALA A 737 46.17 -17.03 -3.65
C ALA A 737 46.32 -18.53 -3.77
N LYS A 738 47.55 -19.03 -3.89
CA LYS A 738 47.80 -20.46 -3.99
C LYS A 738 48.56 -20.99 -2.77
N SER A 739 48.53 -20.26 -1.64
CA SER A 739 49.37 -20.60 -0.50
C SER A 739 48.84 -21.78 0.32
N ASP A 740 47.63 -22.26 0.08
CA ASP A 740 47.06 -23.25 0.99
C ASP A 740 45.99 -24.02 0.24
N ASP A 741 45.76 -25.27 0.65
CA ASP A 741 44.68 -26.05 0.05
C ASP A 741 43.31 -25.53 0.48
N ASP A 742 43.22 -24.88 1.65
CA ASP A 742 41.94 -24.40 2.16
C ASP A 742 41.68 -23.01 1.57
N LYS A 743 40.55 -22.86 0.87
CA LYS A 743 40.26 -21.61 0.16
C LYS A 743 40.07 -20.43 1.12
N LYS A 744 39.57 -20.69 2.34
CA LYS A 744 39.48 -19.62 3.30
C LYS A 744 40.85 -19.09 3.66
N LYS A 745 41.84 -20.00 3.84
CA LYS A 745 43.14 -19.50 4.20
C LYS A 745 43.78 -18.74 3.05
N CYS A 746 43.50 -19.15 1.81
CA CYS A 746 43.99 -18.38 0.67
C CYS A 746 43.42 -16.96 0.67
N ALA A 747 42.11 -16.83 0.91
CA ALA A 747 41.50 -15.50 0.96
C ALA A 747 42.14 -14.64 2.03
N GLU A 748 42.35 -15.22 3.23
CA GLU A 748 43.03 -14.50 4.31
C GLU A 748 44.41 -14.01 3.87
N ALA A 749 45.15 -14.86 3.14
CA ALA A 749 46.52 -14.52 2.76
C ALA A 749 46.53 -13.33 1.81
N ILE A 750 45.67 -13.37 0.80
CA ILE A 750 45.48 -12.21 -0.08
C ILE A 750 45.20 -10.93 0.72
N MET A 751 44.20 -10.97 1.60
CA MET A 751 43.86 -9.77 2.35
C MET A 751 45.01 -9.31 3.22
N SER A 752 45.75 -10.26 3.79
CA SER A 752 46.89 -9.86 4.61
C SER A 752 47.90 -9.09 3.76
N LYS A 753 48.08 -9.51 2.50
CA LYS A 753 49.02 -8.81 1.62
C LYS A 753 48.56 -7.39 1.34
N LEU A 754 47.28 -7.23 0.99
CA LEU A 754 46.74 -5.91 0.71
C LEU A 754 46.87 -4.97 1.91
N VAL A 755 46.54 -5.46 3.12
CA VAL A 755 46.75 -4.65 4.32
C VAL A 755 48.23 -4.30 4.48
N ASN A 756 49.12 -5.25 4.17
CA ASN A 756 50.56 -5.00 4.29
C ASN A 756 51.03 -3.99 3.24
N ASP A 757 50.48 -4.04 2.03
CA ASP A 757 50.82 -3.10 0.97
C ASP A 757 50.31 -1.69 1.21
N GLY A 758 49.39 -1.50 2.16
CA GLY A 758 48.76 -0.21 2.38
C GLY A 758 47.55 0.07 1.51
N SER A 759 47.25 -0.77 0.52
CA SER A 759 46.10 -0.51 -0.35
C SER A 759 44.77 -1.00 0.23
N LEU A 760 44.78 -1.45 1.49
CA LEU A 760 43.59 -1.82 2.22
C LEU A 760 43.87 -1.66 3.72
N SER A 761 42.82 -1.32 4.47
CA SER A 761 42.90 -1.25 5.92
C SER A 761 42.19 -2.47 6.53
N GLU A 762 42.63 -2.87 7.73
CA GLU A 762 41.97 -4.00 8.38
C GLU A 762 40.51 -3.69 8.73
N GLU A 763 40.17 -2.41 8.90
CA GLU A 763 38.80 -2.03 9.21
C GLU A 763 37.84 -2.23 8.04
N MET A 764 38.35 -2.28 6.81
CA MET A 764 37.51 -2.26 5.61
C MET A 764 36.89 -3.60 5.26
N PHE A 765 37.15 -4.67 6.02
CA PHE A 765 36.64 -5.98 5.63
C PHE A 765 36.55 -6.86 6.86
N ARG A 766 35.85 -7.98 6.68
CA ARG A 766 35.81 -9.04 7.68
C ARG A 766 35.84 -10.37 6.95
N ILE A 767 36.62 -11.31 7.46
CA ILE A 767 36.65 -12.65 6.90
C ILE A 767 35.62 -13.48 7.65
N GLY A 768 34.62 -14.01 6.92
CA GLY A 768 33.69 -14.93 7.54
C GLY A 768 34.07 -16.38 7.33
N LEU A 769 33.26 -17.28 7.91
CA LEU A 769 33.50 -18.72 7.80
C LEU A 769 33.47 -19.17 6.36
N THR A 770 32.61 -18.56 5.55
CA THR A 770 32.46 -19.00 4.19
C THR A 770 32.58 -17.87 3.17
N LYS A 771 32.56 -16.60 3.61
CA LYS A 771 32.52 -15.45 2.71
C LYS A 771 33.42 -14.36 3.24
N VAL A 772 33.86 -13.48 2.31
CA VAL A 772 34.53 -12.25 2.69
C VAL A 772 33.49 -11.14 2.69
N PHE A 773 33.50 -10.27 3.71
CA PHE A 773 32.56 -9.16 3.86
C PHE A 773 33.30 -7.83 3.68
N PHE A 774 32.71 -6.92 2.90
CA PHE A 774 33.36 -5.67 2.49
C PHE A 774 32.56 -4.44 2.89
N LYS A 775 33.22 -3.46 3.51
CA LYS A 775 32.56 -2.18 3.76
C LYS A 775 32.39 -1.41 2.44
N ALA A 776 31.59 -0.35 2.50
CA ALA A 776 31.24 0.40 1.29
C ALA A 776 32.49 0.97 0.62
N GLY A 777 32.52 0.87 -0.72
CA GLY A 777 33.61 1.41 -1.49
C GLY A 777 34.87 0.55 -1.54
N VAL A 778 34.90 -0.56 -0.78
CA VAL A 778 36.12 -1.37 -0.69
C VAL A 778 36.25 -2.32 -1.88
N LEU A 779 35.16 -3.02 -2.24
CA LEU A 779 35.18 -3.88 -3.42
C LEU A 779 35.49 -3.10 -4.68
N ALA A 780 34.91 -1.90 -4.83
CA ALA A 780 35.20 -1.06 -6.00
C ALA A 780 36.68 -0.69 -6.08
N HIS A 781 37.28 -0.30 -4.95
CA HIS A 781 38.72 -0.01 -4.92
C HIS A 781 39.53 -1.23 -5.37
N LEU A 782 39.15 -2.42 -4.91
CA LEU A 782 39.83 -3.65 -5.33
C LEU A 782 39.64 -3.91 -6.82
N GLU A 783 38.47 -3.59 -7.38
CA GLU A 783 38.30 -3.67 -8.82
C GLU A 783 39.22 -2.71 -9.54
N ASP A 784 39.46 -1.52 -8.95
CA ASP A 784 40.33 -0.53 -9.58
C ASP A 784 41.76 -1.04 -9.71
N ILE A 785 42.29 -1.67 -8.65
CA ILE A 785 43.65 -2.19 -8.68
C ILE A 785 43.74 -3.42 -9.57
N ARG A 786 42.71 -4.27 -9.56
CA ARG A 786 42.68 -5.44 -10.43
C ARG A 786 42.71 -5.04 -11.89
N ASP A 787 41.89 -4.05 -12.27
CA ASP A 787 41.86 -3.61 -13.65
C ASP A 787 43.18 -2.95 -14.06
N GLU A 788 43.73 -2.10 -13.18
CA GLU A 788 45.01 -1.46 -13.44
C GLU A 788 46.10 -2.49 -13.69
N LYS A 789 46.28 -3.43 -12.76
CA LYS A 789 47.26 -4.49 -12.95
C LYS A 789 46.94 -5.40 -14.13
N LEU A 790 45.69 -5.41 -14.60
CA LEU A 790 45.32 -6.20 -15.76
C LEU A 790 45.60 -5.44 -17.05
PB ADP B . -3.16 1.85 -6.81
O1B ADP B . -1.78 1.90 -6.16
O2B ADP B . -4.00 3.06 -6.53
O3B ADP B . -3.91 0.56 -6.60
PA ADP B . -3.45 0.83 -9.53
O1A ADP B . -2.81 -0.54 -9.45
O2A ADP B . -4.97 0.90 -9.63
O3A ADP B . -2.88 1.88 -8.39
O5' ADP B . -2.87 1.55 -10.86
C5' ADP B . -3.39 2.80 -11.35
C4' ADP B . -3.53 2.65 -12.87
O4' ADP B . -2.21 2.59 -13.44
C3' ADP B . -4.18 1.34 -13.31
O3' ADP B . -5.61 1.39 -13.44
C2' ADP B . -3.55 1.05 -14.66
O2' ADP B . -4.12 1.90 -15.69
C1' ADP B . -2.16 1.59 -14.45
N9 ADP B . -1.20 0.54 -14.05
C8 ADP B . -0.58 0.39 -12.85
N7 ADP B . 0.29 -0.65 -12.88
C5 ADP B . 0.25 -1.14 -14.14
C6 ADP B . 0.89 -2.25 -14.88
N6 ADP B . 1.80 -3.03 -14.25
N1 ADP B . 0.54 -2.43 -16.18
C2 ADP B . -0.36 -1.67 -16.83
N3 ADP B . -1.00 -0.64 -16.20
C4 ADP B . -0.73 -0.35 -14.91
C1 GOL C . -38.02 15.08 -4.54
O1 GOL C . -38.54 16.29 -5.17
C2 GOL C . -38.83 14.92 -3.19
O2 GOL C . -39.22 13.62 -2.94
C3 GOL C . -37.98 15.61 -2.05
O3 GOL C . -38.46 15.19 -0.75
C1 GOL D . -8.47 2.53 25.93
O1 GOL D . -7.78 2.87 27.11
C2 GOL D . -8.13 1.05 25.64
O2 GOL D . -9.23 0.23 25.89
C3 GOL D . -7.68 0.93 24.14
O3 GOL D . -7.36 2.21 23.61
C1 GOL E . 18.96 -3.24 2.51
O1 GOL E . 19.97 -4.02 1.99
C2 GOL E . 17.65 -3.90 2.06
O2 GOL E . 17.92 -5.08 1.38
C3 GOL E . 16.99 -2.90 1.14
O3 GOL E . 18.00 -2.15 0.58
C1 GOL F . 9.14 7.94 13.70
O1 GOL F . 8.67 6.54 13.59
C2 GOL F . 10.73 7.92 13.61
O2 GOL F . 11.21 7.19 12.50
C3 GOL F . 11.23 9.43 13.64
O3 GOL F . 11.35 9.91 12.31
C1 GOL G . 4.70 5.02 -0.36
O1 GOL G . 4.78 3.78 0.28
C2 GOL G . 4.88 6.08 0.78
O2 GOL G . 4.36 5.61 2.06
C3 GOL G . 4.12 7.32 0.23
O3 GOL G . 5.03 8.30 -0.39
C1 GOL H . -6.03 1.81 1.97
O1 GOL H . -5.74 1.43 0.64
C2 GOL H . -6.88 3.12 1.96
O2 GOL H . -7.25 3.53 0.67
C3 GOL H . -8.09 2.79 2.88
O3 GOL H . -9.04 3.86 2.76
C1 GOL I . -4.93 -34.78 -4.64
O1 GOL I . -5.16 -36.13 -4.39
C2 GOL I . -3.43 -34.55 -4.56
O2 GOL I . -2.80 -35.69 -4.03
C3 GOL I . -3.29 -33.30 -3.63
O3 GOL I . -2.12 -32.63 -3.99
C1 GOL J . 13.37 -8.42 -3.22
O1 GOL J . 14.47 -8.82 -4.06
C2 GOL J . 12.28 -9.50 -3.23
O2 GOL J . 12.77 -10.74 -2.81
C3 GOL J . 11.02 -8.93 -2.37
O3 GOL J . 11.32 -8.92 -0.90
C1 GOL K . 3.99 10.55 1.59
O1 GOL K . 2.97 9.94 0.88
C2 GOL K . 3.51 11.97 1.85
O2 GOL K . 4.59 12.89 1.66
C3 GOL K . 2.24 12.21 0.89
O3 GOL K . 0.98 11.79 1.49
C1 GOL L . 16.59 3.03 17.42
O1 GOL L . 17.07 3.26 18.72
C2 GOL L . 17.78 2.73 16.47
O2 GOL L . 17.71 1.42 15.86
C3 GOL L . 17.70 3.84 15.38
O3 GOL L . 16.82 4.89 15.85
C1 BU1 M . 10.80 -4.34 15.81
C2 BU1 M . 9.94 -5.59 16.01
C3 BU1 M . 8.47 -5.42 15.57
C4 BU1 M . 8.09 -6.36 14.41
O5 BU1 M . 11.29 -3.76 17.05
O6 BU1 M . 6.88 -5.89 13.75
C1 PGO N . 18.95 -10.23 -9.99
C2 PGO N . 20.37 -10.36 -10.53
C3 PGO N . 21.38 -9.71 -9.59
O1 PGO N . 18.02 -10.51 -11.04
O2 PGO N . 20.42 -9.74 -11.84
C1 PGO O . 5.25 1.13 4.91
C2 PGO O . 6.06 2.03 3.94
C3 PGO O . 6.95 3.00 4.75
O1 PGO O . 4.27 0.28 4.27
O2 PGO O . 5.20 2.76 3.04
O1 HEZ P . -22.64 -15.03 5.47
C1 HEZ P . -23.67 -14.04 5.68
C2 HEZ P . -23.25 -13.08 6.80
C3 HEZ P . -23.62 -11.62 6.50
C4 HEZ P . -23.31 -10.66 7.65
C5 HEZ P . -23.12 -9.23 7.18
C6 HEZ P . -22.67 -8.29 8.30
O6 HEZ P . -22.50 -6.95 7.80
C13 P15 Q . -14.43 16.07 9.77
O6 P15 Q . -13.69 15.12 8.98
C12 P15 Q . -14.18 15.08 7.64
C11 P15 Q . -14.35 13.63 7.20
O5 P15 Q . -15.59 13.49 6.49
C10 P15 Q . -16.10 12.16 6.61
C9 P15 Q . -17.56 12.22 7.07
O4 P15 Q . -18.49 12.56 6.02
C8 P15 Q . -19.27 13.69 6.46
C7 P15 Q . -20.77 13.42 6.46
O3 P15 Q . -21.24 13.02 7.76
C6 P15 Q . -22.64 12.68 7.81
C5 P15 Q . -22.85 11.77 9.04
O2 P15 Q . -21.59 11.16 9.38
C4 P15 Q . -21.69 10.11 10.37
C3 P15 Q . -20.72 10.25 11.55
O1 P15 Q . -19.40 9.81 11.20
C2 P15 Q . -18.82 8.91 12.15
C1 P15 Q . -17.85 7.93 11.47
OXT P15 Q . -18.28 7.64 10.13
#